data_4AS5
#
_entry.id   4AS5
#
_cell.length_a   86.785
_cell.length_b   81.490
_cell.length_c   97.139
_cell.angle_alpha   90.00
_cell.angle_beta   113.77
_cell.angle_gamma   90.00
#
_symmetry.space_group_name_H-M   'P 1 21 1'
#
loop_
_entity.id
_entity.type
_entity.pdbx_description
1 polymer 'INOSITOL MONOPHOSPHATASE 1'
2 non-polymer 'PHOSPHATE ION'
3 non-polymer 'MAGNESIUM ION'
4 non-polymer 'IODIDE ION'
5 non-polymer 1,2-ETHANEDIOL
6 non-polymer GLYCEROL
7 water water
#
_entity_poly.entity_id   1
_entity_poly.type   'polypeptide(L)'
_entity_poly.pdbx_seq_one_letter_code
;MADPWQECMDYAVILARQAGEMIREALKNEMDVMIKSSPADLVTVTDQKVEKMLMSSIKEKYPCHSFIGEESVAAGEKTV
FTEQPTWVIDPIDGTTNFVHRFPFVAVSIGFLVNKEMEFGIVYSCVEDKMYTGRKGKGAFCNGQKLQVSQQEDITKSLLV
TELGSSRKPETLRIVLSNMEKLCSIPIHGIRSVGTAAVNMCLVATGGADAYYEMGIHCWDMAGAGIIVTEAGGVLMDVTG
GPFDLMSRRIIAANSITLAKRIAKEIEIIPLQRDDES
;
_entity_poly.pdbx_strand_id   A,B,C,D
#
# COMPACT_ATOMS: atom_id res chain seq x y z
N ASP A 3 25.99 16.87 -11.57
CA ASP A 3 26.19 15.76 -10.64
C ASP A 3 26.13 14.39 -11.38
N PRO A 4 27.29 13.95 -11.89
CA PRO A 4 27.34 12.71 -12.69
C PRO A 4 26.92 11.47 -11.94
N TRP A 5 27.13 11.43 -10.62
CA TRP A 5 26.73 10.28 -9.80
C TRP A 5 25.25 10.28 -9.45
N GLN A 6 24.59 11.45 -9.61
CA GLN A 6 23.16 11.55 -9.38
C GLN A 6 22.39 10.90 -10.53
N GLU A 7 22.87 11.06 -11.79
CA GLU A 7 22.20 10.38 -12.91
C GLU A 7 22.32 8.86 -12.81
N CYS A 8 23.47 8.36 -12.27
CA CYS A 8 23.73 6.94 -12.00
C CYS A 8 22.74 6.46 -10.94
N MET A 9 22.59 7.22 -9.84
CA MET A 9 21.69 6.91 -8.72
C MET A 9 20.23 6.87 -9.18
N ASP A 10 19.83 7.81 -10.07
CA ASP A 10 18.49 7.87 -10.67
C ASP A 10 18.25 6.62 -11.52
N TYR A 11 19.26 6.23 -12.31
CA TYR A 11 19.16 5.04 -13.15
C TYR A 11 19.10 3.74 -12.32
N ALA A 12 19.86 3.66 -11.19
CA ALA A 12 19.94 2.52 -10.28
C ALA A 12 18.60 2.24 -9.57
N VAL A 13 17.84 3.31 -9.27
CA VAL A 13 16.51 3.25 -8.67
C VAL A 13 15.54 2.60 -9.69
N ILE A 14 15.56 3.08 -10.95
CA ILE A 14 14.73 2.59 -12.07
C ILE A 14 14.98 1.09 -12.29
N LEU A 15 16.27 0.68 -12.30
CA LEU A 15 16.68 -0.72 -12.46
C LEU A 15 16.23 -1.60 -11.31
N ALA A 16 16.40 -1.11 -10.07
CA ALA A 16 15.97 -1.81 -8.86
C ALA A 16 14.45 -2.10 -8.91
N ARG A 17 13.63 -1.14 -9.41
CA ARG A 17 12.18 -1.27 -9.62
C ARG A 17 11.86 -2.31 -10.69
N GLN A 18 12.62 -2.33 -11.81
CA GLN A 18 12.47 -3.33 -12.89
C GLN A 18 12.77 -4.73 -12.34
N ALA A 19 13.83 -4.85 -11.49
CA ALA A 19 14.26 -6.09 -10.85
C ALA A 19 13.22 -6.59 -9.86
N GLY A 20 12.62 -5.63 -9.12
CA GLY A 20 11.54 -5.88 -8.18
C GLY A 20 10.34 -6.52 -8.83
N GLU A 21 9.98 -6.04 -10.04
CA GLU A 21 8.86 -6.52 -10.86
C GLU A 21 9.13 -7.95 -11.31
N MET A 22 10.39 -8.25 -11.75
CA MET A 22 10.81 -9.62 -12.16
C MET A 22 10.74 -10.59 -10.98
N ILE A 23 11.05 -10.12 -9.78
CA ILE A 23 11.03 -10.93 -8.56
C ILE A 23 9.59 -11.27 -8.15
N ARG A 24 8.72 -10.24 -8.05
CA ARG A 24 7.30 -10.36 -7.71
C ARG A 24 6.54 -11.22 -8.70
N GLU A 25 6.96 -11.20 -9.99
CA GLU A 25 6.36 -12.05 -11.03
C GLU A 25 6.79 -13.51 -10.83
N ALA A 26 8.09 -13.73 -10.52
CA ALA A 26 8.63 -15.09 -10.32
C ALA A 26 8.03 -15.75 -9.08
N LEU A 27 7.64 -14.94 -8.07
CA LEU A 27 6.99 -15.35 -6.83
C LEU A 27 5.62 -16.00 -7.04
N LYS A 28 4.93 -15.62 -8.13
CA LYS A 28 3.61 -16.11 -8.52
C LYS A 28 3.72 -17.52 -9.10
N ASN A 29 4.93 -17.90 -9.58
CA ASN A 29 5.17 -19.19 -10.20
C ASN A 29 6.01 -20.17 -9.35
N GLU A 30 6.14 -21.40 -9.84
CA GLU A 30 6.89 -22.49 -9.22
C GLU A 30 8.35 -22.29 -9.56
N MET A 31 9.24 -22.63 -8.63
CA MET A 31 10.67 -22.42 -8.83
C MET A 31 11.47 -23.71 -8.82
N ASP A 32 12.56 -23.72 -9.57
CA ASP A 32 13.53 -24.78 -9.58
C ASP A 32 14.68 -24.21 -8.72
N VAL A 33 14.88 -24.81 -7.54
CA VAL A 33 15.84 -24.38 -6.56
C VAL A 33 17.15 -25.15 -6.66
N MET A 34 18.26 -24.42 -6.76
CA MET A 34 19.59 -25.01 -6.86
C MET A 34 20.40 -24.61 -5.66
N ILE A 35 21.41 -25.41 -5.31
CA ILE A 35 22.28 -25.09 -4.17
C ILE A 35 23.65 -24.61 -4.66
N LYS A 36 24.34 -23.83 -3.82
CA LYS A 36 25.67 -23.35 -4.15
C LYS A 36 26.73 -23.95 -3.20
N SER A 37 27.18 -23.21 -2.16
CA SER A 37 28.22 -23.66 -1.23
C SER A 37 27.75 -24.65 -0.18
N SER A 38 26.47 -24.64 0.17
CA SER A 38 25.90 -25.54 1.19
C SER A 38 24.42 -25.88 0.85
N PRO A 39 23.73 -26.80 1.59
CA PRO A 39 22.32 -27.07 1.25
C PRO A 39 21.37 -25.92 1.56
N ALA A 40 21.83 -24.94 2.34
CA ALA A 40 21.09 -23.75 2.74
C ALA A 40 21.53 -22.49 1.94
N ASP A 41 22.46 -22.65 0.97
CA ASP A 41 22.93 -21.58 0.09
C ASP A 41 22.25 -21.78 -1.28
N LEU A 42 21.11 -21.10 -1.45
CA LEU A 42 20.23 -21.27 -2.59
C LEU A 42 20.39 -20.27 -3.73
N VAL A 43 19.99 -20.70 -4.93
CA VAL A 43 19.98 -19.88 -6.14
C VAL A 43 18.84 -20.39 -7.07
N THR A 44 18.23 -19.49 -7.82
CA THR A 44 17.18 -19.79 -8.78
C THR A 44 17.57 -19.10 -10.11
N VAL A 45 16.84 -19.39 -11.17
CA VAL A 45 17.02 -18.79 -12.48
C VAL A 45 16.72 -17.29 -12.40
N THR A 46 15.81 -16.88 -11.48
CA THR A 46 15.44 -15.47 -11.24
C THR A 46 16.64 -14.64 -10.77
N ASP A 47 17.46 -15.16 -9.81
CA ASP A 47 18.69 -14.53 -9.35
C ASP A 47 19.62 -14.22 -10.56
N GLN A 48 19.74 -15.20 -11.48
CA GLN A 48 20.56 -15.16 -12.68
C GLN A 48 20.01 -14.21 -13.74
N LYS A 49 18.71 -14.30 -13.99
CA LYS A 49 18.00 -13.43 -14.94
C LYS A 49 18.00 -11.96 -14.48
N VAL A 50 17.77 -11.69 -13.16
CA VAL A 50 17.81 -10.34 -12.59
C VAL A 50 19.24 -9.76 -12.73
N GLU A 51 20.27 -10.54 -12.41
CA GLU A 51 21.66 -10.09 -12.54
C GLU A 51 22.06 -9.79 -13.98
N LYS A 52 21.64 -10.63 -14.92
CA LYS A 52 21.87 -10.43 -16.35
C LYS A 52 21.20 -9.13 -16.83
N MET A 53 19.94 -8.86 -16.38
CA MET A 53 19.24 -7.63 -16.72
C MET A 53 19.97 -6.41 -16.16
N LEU A 54 20.38 -6.47 -14.88
CA LEU A 54 21.10 -5.38 -14.19
C LEU A 54 22.46 -5.08 -14.82
N MET A 55 23.29 -6.12 -15.03
CA MET A 55 24.59 -6.00 -15.67
C MET A 55 24.50 -5.43 -17.09
N SER A 56 23.55 -5.93 -17.92
CA SER A 56 23.32 -5.47 -19.30
C SER A 56 22.87 -4.02 -19.36
N SER A 57 21.95 -3.63 -18.48
CA SER A 57 21.40 -2.27 -18.39
C SER A 57 22.45 -1.23 -17.99
N ILE A 58 23.33 -1.55 -17.01
CA ILE A 58 24.41 -0.67 -16.57
C ILE A 58 25.49 -0.60 -17.68
N LYS A 59 25.86 -1.73 -18.28
CA LYS A 59 26.88 -1.78 -19.35
C LYS A 59 26.46 -0.94 -20.56
N GLU A 60 25.15 -0.92 -20.87
CA GLU A 60 24.66 -0.13 -22.01
C GLU A 60 24.73 1.35 -21.71
N LYS A 61 24.24 1.79 -20.52
CA LYS A 61 24.29 3.20 -20.12
C LYS A 61 25.66 3.69 -19.66
N TYR A 62 26.41 2.88 -18.89
CA TYR A 62 27.73 3.26 -18.38
C TYR A 62 28.78 2.22 -18.77
N PRO A 63 29.15 2.10 -20.08
CA PRO A 63 30.13 1.07 -20.50
C PRO A 63 31.51 1.12 -19.88
N CYS A 64 31.99 2.31 -19.49
CA CYS A 64 33.30 2.50 -18.86
C CYS A 64 33.33 2.02 -17.37
N HIS A 65 32.16 1.80 -16.76
CA HIS A 65 32.05 1.39 -15.34
C HIS A 65 32.35 -0.07 -15.11
N SER A 66 32.73 -0.39 -13.87
CA SER A 66 33.08 -1.72 -13.43
C SER A 66 31.89 -2.36 -12.76
N PHE A 67 31.83 -3.68 -12.77
CA PHE A 67 30.67 -4.39 -12.20
C PHE A 67 31.11 -5.64 -11.42
N ILE A 68 30.57 -5.80 -10.21
CA ILE A 68 30.75 -6.97 -9.32
C ILE A 68 29.33 -7.42 -8.96
N GLY A 69 29.02 -8.69 -9.20
CA GLY A 69 27.73 -9.27 -8.88
C GLY A 69 27.83 -10.65 -8.29
N GLU A 70 26.89 -10.97 -7.36
CA GLU A 70 26.84 -12.27 -6.67
C GLU A 70 26.91 -13.48 -7.61
N GLU A 71 26.00 -13.50 -8.59
CA GLU A 71 25.92 -14.61 -9.52
C GLU A 71 27.02 -14.67 -10.56
N SER A 72 27.66 -13.52 -10.88
CA SER A 72 28.78 -13.44 -11.81
C SER A 72 30.01 -14.07 -11.18
N VAL A 73 30.23 -13.82 -9.88
CA VAL A 73 31.32 -14.40 -9.09
C VAL A 73 31.08 -15.94 -9.01
N ALA A 74 29.81 -16.37 -8.77
CA ALA A 74 29.43 -17.79 -8.71
C ALA A 74 29.72 -18.50 -10.06
N ALA A 75 29.64 -17.75 -11.19
CA ALA A 75 29.90 -18.26 -12.54
C ALA A 75 31.40 -18.27 -12.87
N GLY A 76 32.23 -17.70 -12.00
CA GLY A 76 33.68 -17.72 -12.18
C GLY A 76 34.40 -16.42 -12.44
N GLU A 77 33.70 -15.29 -12.48
CA GLU A 77 34.33 -13.97 -12.67
C GLU A 77 35.08 -13.52 -11.42
N LYS A 78 36.39 -13.21 -11.54
CA LYS A 78 37.22 -12.85 -10.39
C LYS A 78 37.14 -11.39 -10.01
N THR A 79 36.90 -11.12 -8.72
CA THR A 79 36.77 -9.78 -8.14
C THR A 79 38.12 -9.05 -8.01
N VAL A 80 38.28 -7.97 -8.80
CA VAL A 80 39.44 -7.07 -8.76
C VAL A 80 38.91 -5.64 -8.50
N PHE A 81 38.81 -5.28 -7.22
CA PHE A 81 38.31 -4.02 -6.68
C PHE A 81 39.28 -2.85 -6.95
N THR A 82 38.85 -1.86 -7.78
CA THR A 82 39.70 -0.68 -8.10
C THR A 82 39.00 0.65 -7.71
N GLU A 83 39.63 1.77 -8.04
CA GLU A 83 39.15 3.15 -7.78
C GLU A 83 38.08 3.57 -8.82
N GLN A 84 37.93 2.76 -9.87
CA GLN A 84 36.99 2.95 -10.95
C GLN A 84 35.55 3.03 -10.42
N PRO A 85 34.61 3.75 -11.12
CA PRO A 85 33.21 3.71 -10.69
C PRO A 85 32.70 2.27 -10.84
N THR A 86 32.40 1.64 -9.71
CA THR A 86 32.00 0.24 -9.58
C THR A 86 30.57 0.07 -9.05
N TRP A 87 29.79 -0.79 -9.76
CA TRP A 87 28.44 -1.20 -9.35
C TRP A 87 28.57 -2.55 -8.68
N VAL A 88 28.10 -2.65 -7.42
CA VAL A 88 28.15 -3.87 -6.63
C VAL A 88 26.72 -4.37 -6.41
N ILE A 89 26.36 -5.47 -7.15
CA ILE A 89 25.04 -6.04 -7.25
C ILE A 89 24.79 -7.35 -6.53
N ASP A 90 23.60 -7.43 -5.87
CA ASP A 90 22.99 -8.59 -5.22
C ASP A 90 21.61 -8.59 -5.83
N PRO A 91 21.41 -9.40 -6.90
CA PRO A 91 20.13 -9.36 -7.64
C PRO A 91 18.90 -9.69 -6.80
N ILE A 92 19.02 -10.70 -5.94
CA ILE A 92 18.04 -11.10 -4.95
C ILE A 92 18.85 -11.35 -3.65
N ASP A 93 18.73 -10.44 -2.68
CA ASP A 93 19.30 -10.59 -1.36
C ASP A 93 18.16 -11.19 -0.54
N GLY A 94 18.36 -12.41 -0.06
CA GLY A 94 17.32 -13.16 0.63
C GLY A 94 16.69 -14.18 -0.30
N THR A 95 17.51 -15.00 -1.02
CA THR A 95 17.02 -16.09 -1.90
C THR A 95 16.20 -17.14 -1.15
N THR A 96 16.58 -17.47 0.11
CA THR A 96 15.82 -18.42 0.93
C THR A 96 14.41 -17.85 1.18
N ASN A 97 14.31 -16.55 1.48
CA ASN A 97 13.04 -15.84 1.68
C ASN A 97 12.23 -15.85 0.39
N PHE A 98 12.91 -15.58 -0.74
CA PHE A 98 12.28 -15.59 -2.07
C PHE A 98 11.64 -16.96 -2.40
N VAL A 99 12.38 -18.04 -2.23
CA VAL A 99 11.95 -19.44 -2.47
C VAL A 99 10.73 -19.79 -1.58
N HIS A 100 10.71 -19.27 -0.36
CA HIS A 100 9.66 -19.52 0.62
C HIS A 100 8.49 -18.53 0.64
N ARG A 101 8.62 -17.39 -0.08
CA ARG A 101 7.65 -16.28 -0.11
C ARG A 101 7.62 -15.54 1.26
N PHE A 102 8.74 -15.58 2.01
CA PHE A 102 8.90 -14.90 3.30
C PHE A 102 9.08 -13.44 2.88
N PRO A 103 8.20 -12.53 3.32
CA PRO A 103 8.09 -11.19 2.70
C PRO A 103 9.23 -10.16 2.75
N PHE A 104 10.49 -10.58 2.88
CA PHE A 104 11.63 -9.67 2.88
C PHE A 104 12.62 -10.15 1.84
N VAL A 105 12.48 -9.62 0.64
CA VAL A 105 13.36 -9.93 -0.48
C VAL A 105 13.78 -8.63 -1.15
N ALA A 106 15.10 -8.42 -1.18
CA ALA A 106 15.66 -7.17 -1.67
C ALA A 106 16.54 -7.28 -2.89
N VAL A 107 16.63 -6.17 -3.62
CA VAL A 107 17.57 -5.96 -4.70
C VAL A 107 18.53 -4.97 -4.05
N SER A 108 19.84 -5.26 -4.07
CA SER A 108 20.84 -4.33 -3.52
C SER A 108 21.79 -3.90 -4.61
N ILE A 109 21.92 -2.59 -4.76
CA ILE A 109 22.85 -2.02 -5.71
C ILE A 109 23.68 -1.04 -4.92
N GLY A 110 25.00 -1.27 -4.88
CA GLY A 110 25.95 -0.35 -4.27
C GLY A 110 26.80 0.34 -5.32
N PHE A 111 27.08 1.63 -5.17
CA PHE A 111 27.97 2.31 -6.13
C PHE A 111 29.16 2.94 -5.46
N LEU A 112 30.36 2.51 -5.84
CA LEU A 112 31.60 3.01 -5.27
C LEU A 112 32.50 3.69 -6.31
N VAL A 113 33.17 4.78 -5.89
CA VAL A 113 34.14 5.56 -6.66
C VAL A 113 35.25 5.87 -5.69
N ASN A 114 36.51 5.61 -6.13
CA ASN A 114 37.74 5.72 -5.36
C ASN A 114 37.71 4.76 -4.15
N LYS A 115 37.06 3.57 -4.33
CA LYS A 115 36.90 2.52 -3.31
C LYS A 115 36.09 3.01 -2.09
N GLU A 116 35.23 4.01 -2.31
CA GLU A 116 34.39 4.62 -1.30
C GLU A 116 32.94 4.64 -1.71
N MET A 117 32.03 4.21 -0.80
CA MET A 117 30.60 4.18 -1.05
C MET A 117 30.06 5.56 -1.43
N GLU A 118 29.50 5.67 -2.64
CA GLU A 118 28.92 6.91 -3.17
C GLU A 118 27.44 6.95 -2.91
N PHE A 119 26.75 5.95 -3.44
CA PHE A 119 25.31 5.76 -3.27
C PHE A 119 25.00 4.28 -3.08
N GLY A 120 23.80 4.03 -2.58
CA GLY A 120 23.29 2.70 -2.32
C GLY A 120 21.79 2.66 -2.39
N ILE A 121 21.29 1.63 -3.05
CA ILE A 121 19.89 1.34 -3.23
C ILE A 121 19.65 -0.06 -2.69
N VAL A 122 18.62 -0.20 -1.84
CA VAL A 122 18.13 -1.45 -1.28
C VAL A 122 16.62 -1.42 -1.47
N TYR A 123 16.13 -2.18 -2.45
CA TYR A 123 14.69 -2.21 -2.69
C TYR A 123 14.09 -3.47 -2.08
N SER A 124 13.35 -3.33 -0.98
CA SER A 124 12.63 -4.46 -0.35
C SER A 124 11.33 -4.53 -1.13
N CYS A 125 11.37 -5.30 -2.22
CA CYS A 125 10.33 -5.36 -3.25
C CYS A 125 8.96 -5.95 -2.95
N VAL A 126 8.85 -6.86 -1.99
CA VAL A 126 7.55 -7.42 -1.63
C VAL A 126 6.77 -6.38 -0.79
N GLU A 127 7.44 -5.71 0.17
CA GLU A 127 6.80 -4.68 0.98
C GLU A 127 6.76 -3.33 0.32
N ASP A 128 7.43 -3.19 -0.85
CA ASP A 128 7.53 -1.98 -1.66
C ASP A 128 8.17 -0.81 -0.87
N LYS A 129 9.34 -1.08 -0.32
CA LYS A 129 10.12 -0.13 0.45
C LYS A 129 11.44 0.12 -0.24
N MET A 130 11.60 1.31 -0.78
CA MET A 130 12.78 1.75 -1.50
C MET A 130 13.70 2.50 -0.55
N TYR A 131 14.79 1.88 -0.14
CA TYR A 131 15.80 2.49 0.70
C TYR A 131 16.93 3.05 -0.16
N THR A 132 17.35 4.28 0.09
CA THR A 132 18.42 4.95 -0.64
C THR A 132 19.33 5.72 0.33
N GLY A 133 20.60 5.83 -0.06
CA GLY A 133 21.62 6.59 0.64
C GLY A 133 22.57 7.14 -0.39
N ARG A 134 23.08 8.35 -0.16
CA ARG A 134 24.10 8.99 -1.02
C ARG A 134 24.96 9.84 -0.13
N LYS A 135 26.33 9.76 -0.29
CA LYS A 135 27.31 10.53 0.50
C LYS A 135 26.95 12.02 0.62
N GLY A 136 26.78 12.46 1.87
CA GLY A 136 26.45 13.83 2.23
C GLY A 136 25.07 14.30 1.81
N LYS A 137 24.19 13.38 1.37
CA LYS A 137 22.84 13.68 0.88
C LYS A 137 21.72 13.06 1.70
N GLY A 138 22.07 12.25 2.70
CA GLY A 138 21.10 11.62 3.58
C GLY A 138 20.61 10.25 3.13
N ALA A 139 19.85 9.60 4.04
CA ALA A 139 19.28 8.27 3.87
C ALA A 139 17.77 8.35 3.95
N PHE A 140 17.08 7.66 3.01
CA PHE A 140 15.63 7.72 2.90
C PHE A 140 15.00 6.35 2.66
N CYS A 141 13.74 6.22 3.05
CA CYS A 141 12.87 5.07 2.78
C CYS A 141 11.58 5.67 2.30
N ASN A 142 11.27 5.46 1.01
CA ASN A 142 10.08 5.99 0.36
C ASN A 142 9.88 7.50 0.63
N GLY A 143 10.99 8.24 0.52
CA GLY A 143 11.05 9.68 0.73
C GLY A 143 11.24 10.15 2.16
N GLN A 144 10.89 9.31 3.16
CA GLN A 144 11.03 9.61 4.59
C GLN A 144 12.51 9.58 4.97
N LYS A 145 13.06 10.70 5.48
CA LYS A 145 14.46 10.78 5.90
C LYS A 145 14.76 9.85 7.08
N LEU A 146 15.86 9.10 7.00
CA LEU A 146 16.21 8.12 8.02
C LEU A 146 17.23 8.63 9.02
N GLN A 147 17.06 8.19 10.28
CA GLN A 147 17.96 8.51 11.38
C GLN A 147 18.10 7.28 12.29
N VAL A 148 19.35 6.85 12.55
CA VAL A 148 19.69 5.74 13.48
C VAL A 148 19.22 6.12 14.92
N SER A 149 19.02 5.12 15.79
CA SER A 149 18.58 5.33 17.17
C SER A 149 19.66 6.03 18.02
N GLN A 150 19.27 6.52 19.21
CA GLN A 150 20.19 7.20 20.12
C GLN A 150 20.80 6.29 21.20
N GLN A 151 20.34 5.04 21.28
CA GLN A 151 20.70 4.04 22.28
C GLN A 151 22.16 3.53 22.21
N GLU A 152 23.01 4.02 23.12
CA GLU A 152 24.41 3.61 23.23
C GLU A 152 24.63 2.48 24.28
N ASP A 153 23.66 2.28 25.20
CA ASP A 153 23.67 1.25 26.25
C ASP A 153 23.24 -0.12 25.66
N ILE A 154 24.19 -1.09 25.61
CA ILE A 154 23.99 -2.45 25.08
C ILE A 154 22.87 -3.21 25.80
N THR A 155 22.71 -2.93 27.09
CA THR A 155 21.72 -3.49 27.99
C THR A 155 20.27 -3.16 27.57
N LYS A 156 20.09 -2.10 26.75
CA LYS A 156 18.80 -1.61 26.26
C LYS A 156 18.77 -1.68 24.71
N SER A 157 19.61 -2.56 24.15
CA SER A 157 19.78 -2.67 22.72
C SER A 157 19.01 -3.82 22.07
N LEU A 158 18.58 -3.59 20.83
CA LEU A 158 17.90 -4.57 20.01
C LEU A 158 18.78 -4.82 18.80
N LEU A 159 19.27 -6.06 18.66
CA LEU A 159 20.17 -6.43 17.56
C LEU A 159 19.51 -7.27 16.48
N VAL A 160 20.05 -7.15 15.26
CA VAL A 160 19.65 -7.93 14.08
C VAL A 160 20.89 -8.74 13.64
N THR A 161 20.67 -10.00 13.26
CA THR A 161 21.73 -10.90 12.78
C THR A 161 21.10 -12.08 12.03
N GLU A 162 21.93 -12.96 11.44
CA GLU A 162 21.46 -14.15 10.75
C GLU A 162 22.30 -15.35 11.16
N LEU A 163 21.69 -16.53 11.14
CA LEU A 163 22.37 -17.76 11.48
C LEU A 163 23.39 -18.18 10.40
N GLY A 164 23.19 -17.73 9.16
CA GLY A 164 24.07 -18.03 8.04
C GLY A 164 23.70 -19.27 7.26
N SER A 165 24.31 -19.45 6.07
CA SER A 165 24.04 -20.57 5.16
C SER A 165 24.87 -21.82 5.48
N SER A 166 25.97 -21.67 6.23
CA SER A 166 26.80 -22.81 6.62
C SER A 166 26.06 -23.76 7.56
N ARG A 167 26.23 -25.05 7.32
CA ARG A 167 25.64 -26.10 8.14
C ARG A 167 26.75 -26.94 8.81
N LYS A 168 28.00 -26.46 8.69
CA LYS A 168 29.21 -27.04 9.27
C LYS A 168 29.09 -26.91 10.79
N PRO A 169 29.24 -28.02 11.56
CA PRO A 169 29.03 -27.96 13.02
C PRO A 169 29.78 -26.89 13.81
N GLU A 170 31.08 -26.71 13.54
CA GLU A 170 31.91 -25.72 14.25
C GLU A 170 31.50 -24.29 14.01
N THR A 171 31.14 -23.94 12.77
CA THR A 171 30.68 -22.59 12.41
C THR A 171 29.35 -22.26 13.11
N LEU A 172 28.39 -23.18 13.03
CA LEU A 172 27.08 -23.11 13.65
C LEU A 172 27.20 -22.94 15.18
N ARG A 173 28.18 -23.63 15.81
CA ARG A 173 28.49 -23.59 17.21
C ARG A 173 28.96 -22.16 17.59
N ILE A 174 29.89 -21.58 16.81
CA ILE A 174 30.42 -20.22 17.01
C ILE A 174 29.33 -19.16 16.82
N VAL A 175 28.49 -19.31 15.77
CA VAL A 175 27.37 -18.40 15.48
C VAL A 175 26.41 -18.36 16.68
N LEU A 176 26.03 -19.54 17.18
CA LEU A 176 25.12 -19.65 18.31
C LEU A 176 25.71 -19.26 19.65
N SER A 177 27.01 -19.50 19.84
CA SER A 177 27.76 -19.14 21.04
C SER A 177 27.86 -17.61 21.18
N ASN A 178 27.98 -16.88 20.03
CA ASN A 178 28.03 -15.41 19.96
C ASN A 178 26.66 -14.81 20.32
N MET A 179 25.57 -15.46 19.86
CA MET A 179 24.20 -15.05 20.18
C MET A 179 23.96 -15.20 21.67
N GLU A 180 24.42 -16.32 22.27
CA GLU A 180 24.29 -16.62 23.68
C GLU A 180 25.03 -15.58 24.53
N LYS A 181 26.27 -15.22 24.13
CA LYS A 181 27.08 -14.23 24.84
C LYS A 181 26.38 -12.88 24.86
N LEU A 182 25.79 -12.46 23.72
CA LEU A 182 25.08 -11.19 23.57
C LEU A 182 23.79 -11.17 24.37
N CYS A 183 22.98 -12.26 24.27
CA CYS A 183 21.74 -12.40 25.02
C CYS A 183 21.98 -12.35 26.53
N SER A 184 23.13 -12.87 26.99
CA SER A 184 23.53 -12.94 28.41
C SER A 184 24.06 -11.62 29.00
N ILE A 185 24.38 -10.60 28.19
CA ILE A 185 24.89 -9.29 28.70
C ILE A 185 24.05 -8.69 29.87
N PRO A 186 22.69 -8.59 29.82
CA PRO A 186 21.76 -8.95 28.73
C PRO A 186 21.45 -7.82 27.76
N ILE A 187 20.85 -8.13 26.61
CA ILE A 187 20.39 -7.16 25.60
C ILE A 187 18.85 -7.28 25.57
N HIS A 188 18.15 -6.36 24.88
CA HIS A 188 16.70 -6.46 24.78
C HIS A 188 16.22 -7.63 23.86
N GLY A 189 17.02 -7.98 22.87
CA GLY A 189 16.70 -9.09 21.98
C GLY A 189 17.43 -9.12 20.68
N ILE A 190 17.19 -10.20 19.90
CA ILE A 190 17.76 -10.47 18.58
C ILE A 190 16.62 -10.71 17.57
N ARG A 191 16.75 -10.16 16.36
CA ARG A 191 15.77 -10.28 15.26
C ARG A 191 16.48 -10.81 14.00
N SER A 192 15.75 -11.43 13.09
CA SER A 192 16.29 -11.98 11.84
C SER A 192 15.16 -11.99 10.82
N VAL A 193 15.25 -11.11 9.83
CA VAL A 193 14.27 -11.03 8.78
C VAL A 193 14.69 -11.85 7.55
N GLY A 194 15.95 -12.31 7.55
CA GLY A 194 16.50 -13.15 6.49
C GLY A 194 17.20 -12.50 5.32
N THR A 195 17.65 -11.26 5.47
CA THR A 195 18.39 -10.53 4.42
C THR A 195 19.31 -9.52 5.09
N ALA A 196 20.61 -9.58 4.78
CA ALA A 196 21.66 -8.68 5.28
C ALA A 196 21.32 -7.22 4.99
N ALA A 197 21.00 -6.91 3.72
CA ALA A 197 20.65 -5.55 3.31
C ALA A 197 19.44 -4.95 4.08
N VAL A 198 18.32 -5.70 4.26
CA VAL A 198 17.12 -5.24 4.97
C VAL A 198 17.43 -5.13 6.48
N ASN A 199 18.20 -6.09 7.04
CA ASN A 199 18.63 -6.03 8.44
C ASN A 199 19.44 -4.75 8.71
N MET A 200 20.31 -4.36 7.73
CA MET A 200 21.12 -3.15 7.76
C MET A 200 20.26 -1.90 7.61
N CYS A 201 19.20 -1.97 6.79
CA CYS A 201 18.23 -0.87 6.62
C CYS A 201 17.39 -0.62 7.89
N LEU A 202 17.12 -1.69 8.68
CA LEU A 202 16.40 -1.59 9.97
C LEU A 202 17.24 -0.85 11.02
N VAL A 203 18.56 -0.92 10.90
CA VAL A 203 19.48 -0.15 11.74
C VAL A 203 19.41 1.32 11.32
N ALA A 204 19.40 1.58 9.99
CA ALA A 204 19.29 2.92 9.41
C ALA A 204 18.00 3.66 9.80
N THR A 205 16.87 2.92 9.89
CA THR A 205 15.57 3.53 10.30
C THR A 205 15.50 3.81 11.82
N GLY A 206 16.37 3.14 12.58
CA GLY A 206 16.42 3.21 14.04
C GLY A 206 15.54 2.18 14.72
N GLY A 207 14.94 1.28 13.93
CA GLY A 207 14.12 0.15 14.41
C GLY A 207 14.95 -0.83 15.20
N ALA A 208 16.23 -1.05 14.78
CA ALA A 208 17.20 -1.88 15.49
C ALA A 208 18.41 -1.00 15.83
N ASP A 209 19.16 -1.32 16.88
CA ASP A 209 20.29 -0.48 17.28
C ASP A 209 21.58 -0.86 16.58
N ALA A 210 21.73 -2.15 16.22
CA ALA A 210 22.89 -2.65 15.52
C ALA A 210 22.63 -3.95 14.82
N TYR A 211 23.48 -4.24 13.84
CA TYR A 211 23.49 -5.47 13.04
C TYR A 211 24.89 -6.00 13.04
N TYR A 212 25.03 -7.31 13.10
CA TYR A 212 26.36 -7.90 13.01
C TYR A 212 26.24 -9.22 12.23
N GLU A 213 27.26 -9.55 11.45
CA GLU A 213 27.33 -10.80 10.71
C GLU A 213 28.71 -11.10 10.15
N MET A 214 29.00 -12.40 10.06
CA MET A 214 30.22 -12.92 9.45
C MET A 214 29.80 -13.95 8.39
N GLY A 215 30.41 -13.89 7.22
CA GLY A 215 30.11 -14.83 6.16
C GLY A 215 29.35 -14.22 5.01
N ILE A 216 28.89 -12.98 5.18
CA ILE A 216 28.22 -12.23 4.13
C ILE A 216 29.28 -11.74 3.10
N HIS A 217 28.86 -11.10 2.03
CA HIS A 217 29.80 -10.66 1.00
C HIS A 217 29.68 -9.18 0.73
N CYS A 218 30.61 -8.61 -0.07
CA CYS A 218 30.61 -7.20 -0.45
C CYS A 218 29.24 -6.74 -1.01
N TRP A 219 28.60 -7.57 -1.87
CA TRP A 219 27.31 -7.27 -2.51
C TRP A 219 26.14 -7.24 -1.53
N ASP A 220 26.30 -7.93 -0.38
CA ASP A 220 25.28 -7.95 0.68
C ASP A 220 25.27 -6.62 1.43
N MET A 221 26.42 -5.92 1.46
CA MET A 221 26.56 -4.71 2.27
C MET A 221 26.88 -3.38 1.58
N ALA A 222 27.27 -3.41 0.29
CA ALA A 222 27.62 -2.22 -0.49
C ALA A 222 26.44 -1.23 -0.63
N GLY A 223 25.22 -1.75 -0.74
CA GLY A 223 24.02 -0.95 -0.88
C GLY A 223 23.59 -0.29 0.41
N ALA A 224 23.49 -1.09 1.47
CA ALA A 224 22.98 -0.71 2.79
C ALA A 224 23.99 0.01 3.68
N GLY A 225 25.27 -0.17 3.39
CA GLY A 225 26.38 0.44 4.12
C GLY A 225 26.30 1.94 4.21
N ILE A 226 26.10 2.60 3.04
CA ILE A 226 26.00 4.07 2.91
C ILE A 226 24.63 4.55 3.46
N ILE A 227 23.60 3.67 3.46
CA ILE A 227 22.29 3.99 4.01
C ILE A 227 22.43 4.14 5.54
N VAL A 228 23.21 3.22 6.19
CA VAL A 228 23.46 3.26 7.64
C VAL A 228 24.23 4.53 8.03
N THR A 229 25.35 4.82 7.34
CA THR A 229 26.18 6.00 7.63
C THR A 229 25.48 7.31 7.35
N GLU A 230 24.67 7.36 6.27
CA GLU A 230 23.89 8.57 5.97
C GLU A 230 22.73 8.79 6.93
N ALA A 231 22.31 7.73 7.68
CA ALA A 231 21.29 7.80 8.72
C ALA A 231 21.93 8.21 10.10
N GLY A 232 23.26 8.37 10.11
CA GLY A 232 24.04 8.75 11.29
C GLY A 232 24.77 7.61 11.97
N GLY A 233 24.73 6.44 11.36
CA GLY A 233 25.35 5.23 11.93
C GLY A 233 26.79 5.02 11.59
N VAL A 234 27.33 3.89 12.07
CA VAL A 234 28.74 3.50 11.83
C VAL A 234 28.86 2.08 11.28
N LEU A 235 29.90 1.83 10.46
CA LEU A 235 30.27 0.49 9.98
C LEU A 235 31.63 0.18 10.56
N MET A 236 31.78 -1.02 11.09
CA MET A 236 33.05 -1.44 11.70
C MET A 236 33.28 -2.89 11.40
N ASP A 237 34.50 -3.36 11.62
CA ASP A 237 34.75 -4.77 11.47
C ASP A 237 34.23 -5.42 12.73
N VAL A 238 34.07 -6.73 12.72
CA VAL A 238 33.57 -7.51 13.85
C VAL A 238 34.61 -7.56 15.02
N THR A 239 35.88 -7.11 14.78
CA THR A 239 37.01 -7.03 15.73
C THR A 239 37.03 -5.67 16.49
N GLY A 240 36.41 -4.67 15.90
CA GLY A 240 36.44 -3.30 16.40
C GLY A 240 37.21 -2.43 15.43
N GLY A 241 37.94 -3.08 14.53
CA GLY A 241 38.78 -2.46 13.53
C GLY A 241 38.02 -1.79 12.40
N PRO A 242 38.76 -1.12 11.48
CA PRO A 242 38.09 -0.39 10.38
C PRO A 242 37.26 -1.32 9.53
N PHE A 243 36.12 -0.79 8.98
CA PHE A 243 35.27 -1.57 8.12
C PHE A 243 35.98 -1.88 6.80
N ASP A 244 35.90 -3.14 6.37
CA ASP A 244 36.51 -3.63 5.13
C ASP A 244 35.44 -4.40 4.34
N LEU A 245 35.00 -3.81 3.23
CA LEU A 245 33.99 -4.35 2.32
C LEU A 245 34.27 -5.77 1.81
N MET A 246 35.54 -6.14 1.65
CA MET A 246 35.94 -7.45 1.14
C MET A 246 36.23 -8.51 2.24
N SER A 247 36.12 -8.11 3.53
CA SER A 247 36.43 -8.94 4.71
C SER A 247 35.41 -9.98 5.12
N ARG A 248 34.18 -9.94 4.56
CA ARG A 248 33.08 -10.90 4.87
C ARG A 248 32.51 -10.72 6.29
N ARG A 249 32.83 -9.61 6.96
CA ARG A 249 32.41 -9.31 8.33
C ARG A 249 31.97 -7.88 8.43
N ILE A 250 31.00 -7.63 9.33
CA ILE A 250 30.47 -6.29 9.58
C ILE A 250 29.78 -6.19 10.94
N ILE A 251 29.81 -4.99 11.50
CA ILE A 251 29.04 -4.49 12.58
C ILE A 251 28.51 -3.15 12.00
N ALA A 252 27.20 -3.06 11.78
CA ALA A 252 26.52 -1.84 11.29
C ALA A 252 25.70 -1.33 12.49
N ALA A 253 26.15 -0.24 13.11
CA ALA A 253 25.53 0.24 14.35
C ALA A 253 25.08 1.70 14.36
N ASN A 254 24.27 2.07 15.37
CA ASN A 254 23.83 3.46 15.55
C ASN A 254 24.99 4.36 16.02
N SER A 255 26.01 3.77 16.70
CA SER A 255 27.15 4.46 17.30
C SER A 255 28.38 3.59 17.45
N ILE A 256 29.58 4.21 17.57
CA ILE A 256 30.86 3.53 17.78
C ILE A 256 30.83 2.79 19.14
N THR A 257 30.25 3.44 20.18
CA THR A 257 30.11 2.90 21.54
C THR A 257 29.49 1.49 21.52
N LEU A 258 28.30 1.37 20.92
CA LEU A 258 27.58 0.10 20.81
C LEU A 258 28.34 -0.90 19.93
N ALA A 259 28.88 -0.42 18.80
CA ALA A 259 29.63 -1.24 17.85
C ALA A 259 30.83 -1.90 18.54
N LYS A 260 31.62 -1.10 19.32
CA LYS A 260 32.78 -1.58 20.07
C LYS A 260 32.38 -2.58 21.15
N ARG A 261 31.23 -2.36 21.79
CA ARG A 261 30.73 -3.23 22.83
C ARG A 261 30.36 -4.65 22.30
N ILE A 262 29.68 -4.71 21.14
CA ILE A 262 29.31 -5.94 20.45
C ILE A 262 30.57 -6.72 20.03
N ALA A 263 31.58 -6.00 19.48
CA ALA A 263 32.84 -6.53 19.02
C ALA A 263 33.59 -7.35 20.10
N LYS A 264 33.52 -6.90 21.37
CA LYS A 264 34.12 -7.56 22.52
C LYS A 264 33.52 -8.97 22.75
N GLU A 265 32.27 -9.17 22.30
CA GLU A 265 31.55 -10.44 22.48
C GLU A 265 31.73 -11.47 21.36
N ILE A 266 32.20 -11.04 20.19
CA ILE A 266 32.29 -11.89 18.99
C ILE A 266 33.56 -12.69 18.79
N GLU A 267 33.38 -14.01 18.69
CA GLU A 267 34.41 -14.97 18.33
C GLU A 267 34.33 -15.05 16.78
N ILE A 268 35.46 -14.80 16.11
CA ILE A 268 35.55 -14.78 14.65
C ILE A 268 35.49 -16.21 14.03
N ILE A 269 34.79 -16.34 12.90
CA ILE A 269 34.75 -17.57 12.10
C ILE A 269 35.77 -17.41 10.95
N PRO A 270 36.65 -18.41 10.71
CA PRO A 270 37.64 -18.25 9.61
C PRO A 270 36.93 -18.22 8.25
N LEU A 271 37.21 -17.16 7.44
CA LEU A 271 36.56 -16.93 6.15
C LEU A 271 37.50 -16.45 5.07
N GLN A 272 37.25 -16.91 3.83
CA GLN A 272 38.01 -16.46 2.66
C GLN A 272 37.44 -15.13 2.23
N ARG A 273 38.30 -14.11 2.10
CA ARG A 273 37.94 -12.75 1.67
C ARG A 273 37.38 -12.74 0.23
N ASP A 274 36.60 -11.70 -0.09
CA ASP A 274 36.02 -11.51 -1.42
C ASP A 274 37.05 -11.11 -2.48
N ASP A 275 38.22 -10.60 -2.03
CA ASP A 275 39.32 -10.17 -2.92
C ASP A 275 40.50 -11.18 -2.99
N GLU A 276 40.47 -12.25 -2.17
CA GLU A 276 41.51 -13.29 -2.14
C GLU A 276 41.29 -14.35 -3.21
N ASP B 3 -22.59 -16.95 13.60
CA ASP B 3 -24.01 -16.68 13.91
C ASP B 3 -24.22 -15.88 15.22
N PRO B 4 -24.13 -16.46 16.47
CA PRO B 4 -24.26 -15.60 17.65
C PRO B 4 -22.96 -14.85 17.94
N TRP B 5 -21.82 -15.37 17.44
CA TRP B 5 -20.44 -14.84 17.63
C TRP B 5 -19.91 -13.88 16.56
N GLN B 6 -20.53 -13.84 15.38
CA GLN B 6 -20.09 -12.94 14.31
C GLN B 6 -20.14 -11.46 14.76
N GLU B 7 -21.20 -11.05 15.49
CA GLU B 7 -21.34 -9.69 16.04
C GLU B 7 -20.20 -9.35 17.05
N CYS B 8 -19.69 -10.39 17.77
CA CYS B 8 -18.55 -10.30 18.70
C CYS B 8 -17.28 -10.05 17.87
N MET B 9 -17.09 -10.82 16.77
CA MET B 9 -15.96 -10.69 15.86
C MET B 9 -15.91 -9.31 15.18
N ASP B 10 -17.07 -8.83 14.69
CA ASP B 10 -17.19 -7.51 14.06
C ASP B 10 -16.77 -6.42 15.05
N TYR B 11 -17.22 -6.55 16.32
CA TYR B 11 -16.89 -5.59 17.38
C TYR B 11 -15.41 -5.65 17.72
N ALA B 12 -14.83 -6.88 17.77
CA ALA B 12 -13.43 -7.11 18.08
C ALA B 12 -12.46 -6.48 17.05
N VAL B 13 -12.85 -6.46 15.76
CA VAL B 13 -12.08 -5.83 14.66
C VAL B 13 -12.06 -4.29 14.86
N ILE B 14 -13.20 -3.70 15.20
CA ILE B 14 -13.36 -2.26 15.50
C ILE B 14 -12.44 -1.87 16.68
N LEU B 15 -12.44 -2.69 17.75
CA LEU B 15 -11.60 -2.49 18.92
C LEU B 15 -10.11 -2.61 18.61
N ALA B 16 -9.72 -3.65 17.82
CA ALA B 16 -8.33 -3.87 17.39
C ALA B 16 -7.81 -2.63 16.63
N ARG B 17 -8.63 -2.04 15.75
CA ARG B 17 -8.32 -0.81 15.01
C ARG B 17 -8.16 0.42 15.94
N GLN B 18 -9.05 0.56 16.97
CA GLN B 18 -8.94 1.63 17.98
C GLN B 18 -7.61 1.47 18.74
N ALA B 19 -7.25 0.21 19.12
CA ALA B 19 -6.02 -0.16 19.82
C ALA B 19 -4.77 0.17 18.97
N GLY B 20 -4.84 -0.10 17.66
CA GLY B 20 -3.77 0.17 16.73
C GLY B 20 -3.48 1.64 16.61
N GLU B 21 -4.54 2.47 16.66
CA GLU B 21 -4.45 3.94 16.62
C GLU B 21 -3.77 4.45 17.88
N MET B 22 -4.08 3.83 19.06
CA MET B 22 -3.48 4.17 20.36
C MET B 22 -2.00 3.86 20.35
N ILE B 23 -1.62 2.67 19.80
CA ILE B 23 -0.23 2.19 19.70
C ILE B 23 0.60 3.13 18.80
N ARG B 24 0.12 3.40 17.57
CA ARG B 24 0.74 4.29 16.60
C ARG B 24 0.91 5.71 17.13
N GLU B 25 -0.02 6.16 18.00
CA GLU B 25 0.04 7.49 18.62
C GLU B 25 1.16 7.51 19.67
N ALA B 26 1.26 6.47 20.52
CA ALA B 26 2.30 6.37 21.55
C ALA B 26 3.72 6.26 20.94
N LEU B 27 3.82 5.65 19.74
CA LEU B 27 5.06 5.49 18.99
C LEU B 27 5.69 6.84 18.60
N LYS B 28 4.85 7.89 18.45
CA LYS B 28 5.24 9.26 18.12
C LYS B 28 5.87 9.94 19.32
N ASN B 29 5.56 9.46 20.53
CA ASN B 29 6.03 10.06 21.79
C ASN B 29 7.09 9.24 22.53
N GLU B 30 7.62 9.82 23.61
CA GLU B 30 8.63 9.24 24.49
C GLU B 30 7.92 8.26 25.41
N MET B 31 8.58 7.15 25.73
CA MET B 31 7.97 6.13 26.59
C MET B 31 8.79 5.93 27.85
N ASP B 32 8.09 5.57 28.94
CA ASP B 32 8.69 5.18 30.19
C ASP B 32 8.54 3.65 30.17
N VAL B 33 9.69 2.99 30.11
CA VAL B 33 9.77 1.54 29.99
C VAL B 33 9.98 0.88 31.36
N MET B 34 9.10 -0.06 31.69
CA MET B 34 9.19 -0.78 32.96
C MET B 34 9.49 -2.24 32.66
N ILE B 35 10.07 -2.94 33.64
CA ILE B 35 10.36 -4.37 33.46
C ILE B 35 9.38 -5.21 34.26
N LYS B 36 9.16 -6.45 33.82
CA LYS B 36 8.27 -7.37 34.52
C LYS B 36 9.06 -8.56 35.12
N SER B 37 9.00 -9.75 34.49
CA SER B 37 9.64 -10.96 34.99
C SER B 37 11.18 -10.98 34.81
N SER B 38 11.72 -10.24 33.84
CA SER B 38 13.16 -10.21 33.53
C SER B 38 13.56 -8.82 32.98
N PRO B 39 14.87 -8.51 32.76
CA PRO B 39 15.22 -7.19 32.21
C PRO B 39 14.83 -7.02 30.73
N ALA B 40 14.48 -8.12 30.06
CA ALA B 40 14.05 -8.15 28.66
C ALA B 40 12.51 -8.31 28.51
N ASP B 41 11.79 -8.36 29.64
CA ASP B 41 10.33 -8.48 29.70
C ASP B 41 9.79 -7.08 30.04
N LEU B 42 9.49 -6.33 29.00
CA LEU B 42 9.09 -4.94 29.06
C LEU B 42 7.59 -4.68 29.06
N VAL B 43 7.22 -3.54 29.61
CA VAL B 43 5.85 -3.05 29.66
C VAL B 43 5.88 -1.53 29.67
N THR B 44 4.87 -0.91 29.08
CA THR B 44 4.69 0.55 29.05
C THR B 44 3.25 0.84 29.51
N VAL B 45 2.94 2.09 29.74
CA VAL B 45 1.61 2.57 30.13
C VAL B 45 0.64 2.32 28.97
N THR B 46 1.16 2.30 27.70
CA THR B 46 0.36 1.99 26.50
C THR B 46 -0.25 0.58 26.55
N ASP B 47 0.54 -0.43 26.97
CA ASP B 47 0.10 -1.81 27.13
C ASP B 47 -1.10 -1.86 28.10
N GLN B 48 -1.00 -1.10 29.18
CA GLN B 48 -1.99 -1.02 30.24
C GLN B 48 -3.23 -0.25 29.81
N LYS B 49 -3.03 0.89 29.14
CA LYS B 49 -4.11 1.73 28.61
C LYS B 49 -4.91 1.02 27.50
N VAL B 50 -4.22 0.32 26.58
CA VAL B 50 -4.86 -0.45 25.49
C VAL B 50 -5.72 -1.59 26.12
N GLU B 51 -5.14 -2.33 27.09
CA GLU B 51 -5.87 -3.43 27.75
C GLU B 51 -7.11 -2.95 28.49
N LYS B 52 -7.00 -1.81 29.20
CA LYS B 52 -8.11 -1.19 29.92
C LYS B 52 -9.21 -0.80 28.95
N MET B 53 -8.87 -0.19 27.81
CA MET B 53 -9.84 0.17 26.78
C MET B 53 -10.57 -1.10 26.22
N LEU B 54 -9.81 -2.15 25.82
CA LEU B 54 -10.35 -3.41 25.27
C LEU B 54 -11.23 -4.13 26.26
N MET B 55 -10.76 -4.35 27.48
CA MET B 55 -11.51 -5.04 28.52
C MET B 55 -12.80 -4.28 28.92
N SER B 56 -12.73 -2.94 29.07
CA SER B 56 -13.92 -2.12 29.37
C SER B 56 -14.97 -2.16 28.24
N SER B 57 -14.52 -2.05 26.99
CA SER B 57 -15.35 -2.08 25.79
C SER B 57 -16.07 -3.41 25.62
N ILE B 58 -15.39 -4.53 25.88
CA ILE B 58 -16.01 -5.86 25.78
C ILE B 58 -16.99 -6.12 26.93
N LYS B 59 -16.62 -5.75 28.18
CA LYS B 59 -17.48 -5.88 29.35
C LYS B 59 -18.79 -5.09 29.23
N GLU B 60 -18.74 -3.92 28.60
CA GLU B 60 -19.93 -3.10 28.39
C GLU B 60 -20.85 -3.77 27.37
N LYS B 61 -20.32 -4.21 26.21
CA LYS B 61 -21.10 -4.88 25.17
C LYS B 61 -21.48 -6.34 25.51
N TYR B 62 -20.57 -7.13 26.11
CA TYR B 62 -20.81 -8.55 26.45
C TYR B 62 -20.53 -8.81 27.93
N PRO B 63 -21.36 -8.29 28.86
CA PRO B 63 -21.05 -8.45 30.29
C PRO B 63 -21.01 -9.87 30.86
N CYS B 64 -21.70 -10.82 30.25
CA CYS B 64 -21.70 -12.20 30.70
C CYS B 64 -20.45 -13.01 30.24
N HIS B 65 -19.61 -12.41 29.35
CA HIS B 65 -18.41 -13.06 28.85
C HIS B 65 -17.24 -12.98 29.85
N SER B 66 -16.23 -13.86 29.66
CA SER B 66 -15.02 -13.89 30.48
C SER B 66 -13.86 -13.24 29.72
N PHE B 67 -12.84 -12.80 30.44
CA PHE B 67 -11.68 -12.10 29.89
C PHE B 67 -10.41 -12.52 30.56
N ILE B 68 -9.38 -12.71 29.74
CA ILE B 68 -8.01 -13.04 30.12
C ILE B 68 -7.12 -12.06 29.34
N GLY B 69 -6.34 -11.27 30.07
CA GLY B 69 -5.45 -10.29 29.48
C GLY B 69 -4.07 -10.32 30.09
N GLU B 70 -3.06 -10.18 29.25
CA GLU B 70 -1.66 -10.17 29.68
C GLU B 70 -1.37 -9.24 30.88
N GLU B 71 -1.77 -7.96 30.77
CA GLU B 71 -1.54 -6.96 31.81
C GLU B 71 -2.44 -7.08 33.04
N SER B 72 -3.60 -7.72 32.87
CA SER B 72 -4.51 -8.00 34.00
C SER B 72 -3.91 -9.09 34.88
N VAL B 73 -3.28 -10.11 34.27
CA VAL B 73 -2.57 -11.19 34.98
C VAL B 73 -1.37 -10.58 35.72
N ALA B 74 -0.64 -9.62 35.06
CA ALA B 74 0.50 -8.91 35.66
C ALA B 74 0.07 -8.09 36.90
N ALA B 75 -1.20 -7.61 36.91
CA ALA B 75 -1.80 -6.85 38.00
C ALA B 75 -2.34 -7.75 39.13
N GLY B 76 -2.29 -9.06 38.94
CA GLY B 76 -2.70 -10.02 39.96
C GLY B 76 -3.95 -10.85 39.75
N GLU B 77 -4.66 -10.65 38.62
CA GLU B 77 -5.88 -11.40 38.31
C GLU B 77 -5.54 -12.85 37.94
N LYS B 78 -6.18 -13.82 38.63
CA LYS B 78 -5.92 -15.24 38.42
C LYS B 78 -6.74 -15.81 37.25
N THR B 79 -6.07 -16.49 36.33
CA THR B 79 -6.68 -17.11 35.15
C THR B 79 -7.44 -18.39 35.52
N VAL B 80 -8.75 -18.40 35.29
CA VAL B 80 -9.59 -19.57 35.49
C VAL B 80 -10.35 -19.86 34.17
N PHE B 81 -9.70 -20.66 33.29
CA PHE B 81 -10.16 -21.07 31.98
C PHE B 81 -11.34 -22.02 32.03
N THR B 82 -12.41 -21.61 31.37
CA THR B 82 -13.67 -22.35 31.33
C THR B 82 -14.14 -22.47 29.89
N GLU B 83 -15.22 -23.26 29.69
CA GLU B 83 -15.89 -23.46 28.42
C GLU B 83 -16.66 -22.19 28.02
N GLN B 84 -16.90 -21.26 28.99
CA GLN B 84 -17.54 -19.95 28.85
C GLN B 84 -17.07 -19.16 27.62
N PRO B 85 -17.89 -18.24 27.02
CA PRO B 85 -17.33 -17.36 25.96
C PRO B 85 -16.22 -16.51 26.59
N THR B 86 -14.94 -16.69 26.14
CA THR B 86 -13.73 -16.05 26.70
C THR B 86 -12.91 -15.25 25.70
N TRP B 87 -12.57 -14.02 26.07
CA TRP B 87 -11.72 -13.11 25.30
C TRP B 87 -10.33 -13.21 25.88
N VAL B 88 -9.36 -13.53 25.03
CA VAL B 88 -7.96 -13.65 25.42
C VAL B 88 -7.18 -12.58 24.66
N ILE B 89 -6.84 -11.51 25.37
CA ILE B 89 -6.23 -10.29 24.87
C ILE B 89 -4.74 -10.12 25.19
N ASP B 90 -4.00 -9.67 24.18
CA ASP B 90 -2.60 -9.24 24.22
C ASP B 90 -2.67 -7.81 23.64
N PRO B 91 -2.68 -6.80 24.52
CA PRO B 91 -2.85 -5.41 24.05
C PRO B 91 -1.77 -4.93 23.05
N ILE B 92 -0.47 -5.23 23.34
CA ILE B 92 0.68 -5.00 22.47
C ILE B 92 1.45 -6.31 22.50
N ASP B 93 1.44 -7.05 21.38
CA ASP B 93 2.23 -8.28 21.25
C ASP B 93 3.46 -7.78 20.50
N GLY B 94 4.57 -7.72 21.22
CA GLY B 94 5.81 -7.19 20.72
C GLY B 94 6.13 -5.86 21.37
N THR B 95 6.06 -5.81 22.73
CA THR B 95 6.38 -4.60 23.51
C THR B 95 7.83 -4.14 23.27
N THR B 96 8.77 -5.10 23.14
CA THR B 96 10.19 -4.81 22.86
C THR B 96 10.30 -4.12 21.50
N ASN B 97 9.58 -4.63 20.49
CA ASN B 97 9.50 -4.02 19.16
C ASN B 97 8.89 -2.63 19.24
N PHE B 98 7.79 -2.48 20.01
CA PHE B 98 7.09 -1.21 20.22
C PHE B 98 8.03 -0.15 20.81
N VAL B 99 8.74 -0.48 21.90
CA VAL B 99 9.72 0.39 22.60
C VAL B 99 10.86 0.83 21.67
N HIS B 100 11.27 -0.04 20.75
CA HIS B 100 12.36 0.20 19.81
C HIS B 100 11.95 0.74 18.46
N ARG B 101 10.64 0.76 18.15
CA ARG B 101 10.08 1.17 16.84
C ARG B 101 10.41 0.13 15.75
N PHE B 102 10.63 -1.16 16.15
CA PHE B 102 10.89 -2.26 15.23
C PHE B 102 9.52 -2.55 14.61
N PRO B 103 9.38 -2.43 13.27
CA PRO B 103 8.03 -2.34 12.66
C PRO B 103 7.00 -3.47 12.71
N PHE B 104 7.08 -4.38 13.72
CA PHE B 104 6.13 -5.47 13.87
C PHE B 104 5.57 -5.43 15.26
N VAL B 105 4.41 -4.77 15.37
CA VAL B 105 3.72 -4.64 16.64
C VAL B 105 2.24 -4.96 16.45
N ALA B 106 1.76 -5.95 17.19
CA ALA B 106 0.38 -6.42 17.03
C ALA B 106 -0.54 -6.24 18.23
N VAL B 107 -1.84 -6.24 17.96
CA VAL B 107 -2.92 -6.32 18.94
C VAL B 107 -3.45 -7.71 18.64
N SER B 108 -3.53 -8.58 19.64
CA SER B 108 -4.05 -9.92 19.45
C SER B 108 -5.31 -10.11 20.28
N ILE B 109 -6.43 -10.41 19.61
CA ILE B 109 -7.69 -10.70 20.28
C ILE B 109 -8.11 -12.14 19.95
N GLY B 110 -8.15 -12.98 20.94
CA GLY B 110 -8.59 -14.36 20.80
C GLY B 110 -9.95 -14.53 21.45
N PHE B 111 -10.81 -15.34 20.85
CA PHE B 111 -12.14 -15.62 21.41
C PHE B 111 -12.45 -17.13 21.41
N LEU B 112 -12.64 -17.67 22.61
CA LEU B 112 -12.87 -19.08 22.84
C LEU B 112 -14.22 -19.43 23.41
N VAL B 113 -14.81 -20.54 22.91
CA VAL B 113 -16.09 -21.13 23.36
C VAL B 113 -15.80 -22.63 23.48
N ASN B 114 -16.19 -23.23 24.61
CA ASN B 114 -15.92 -24.66 24.90
C ASN B 114 -14.41 -24.96 24.92
N LYS B 115 -13.58 -23.93 25.28
CA LYS B 115 -12.12 -24.02 25.34
C LYS B 115 -11.49 -24.22 23.94
N GLU B 116 -12.31 -24.12 22.88
CA GLU B 116 -11.90 -24.19 21.48
C GLU B 116 -11.91 -22.78 20.89
N MET B 117 -10.95 -22.48 20.02
CA MET B 117 -10.84 -21.19 19.35
C MET B 117 -11.98 -20.96 18.36
N GLU B 118 -12.71 -19.85 18.52
CA GLU B 118 -13.82 -19.48 17.65
C GLU B 118 -13.35 -18.48 16.60
N PHE B 119 -12.77 -17.40 17.05
CA PHE B 119 -12.23 -16.39 16.16
C PHE B 119 -11.00 -15.80 16.78
N GLY B 120 -10.20 -15.18 15.93
CA GLY B 120 -8.96 -14.52 16.33
C GLY B 120 -8.71 -13.36 15.41
N ILE B 121 -8.27 -12.26 15.99
CA ILE B 121 -7.90 -11.04 15.30
C ILE B 121 -6.45 -10.78 15.71
N VAL B 122 -5.56 -10.59 14.73
CA VAL B 122 -4.16 -10.19 14.94
C VAL B 122 -3.92 -8.94 14.05
N TYR B 123 -3.94 -7.73 14.66
CA TYR B 123 -3.73 -6.52 13.87
C TYR B 123 -2.26 -6.08 13.97
N SER B 124 -1.49 -6.24 12.88
CA SER B 124 -0.09 -5.79 12.82
C SER B 124 -0.23 -4.33 12.42
N CYS B 125 -0.36 -3.46 13.43
CA CYS B 125 -0.73 -2.06 13.30
C CYS B 125 0.23 -1.05 12.66
N VAL B 126 1.56 -1.31 12.70
CA VAL B 126 2.52 -0.40 12.07
C VAL B 126 2.46 -0.65 10.54
N GLU B 127 2.43 -1.92 10.11
CA GLU B 127 2.34 -2.23 8.67
C GLU B 127 0.91 -2.20 8.13
N ASP B 128 -0.09 -2.00 9.02
CA ASP B 128 -1.52 -1.93 8.73
C ASP B 128 -2.02 -3.22 8.04
N LYS B 129 -1.75 -4.34 8.68
CA LYS B 129 -2.15 -5.66 8.22
C LYS B 129 -3.10 -6.29 9.23
N MET B 130 -4.37 -6.41 8.83
CA MET B 130 -5.42 -6.99 9.65
C MET B 130 -5.58 -8.46 9.33
N TYR B 131 -5.10 -9.32 10.22
CA TYR B 131 -5.23 -10.77 10.08
C TYR B 131 -6.45 -11.22 10.88
N THR B 132 -7.31 -12.06 10.26
CA THR B 132 -8.51 -12.61 10.89
C THR B 132 -8.66 -14.10 10.56
N GLY B 133 -9.26 -14.82 11.49
CA GLY B 133 -9.60 -16.22 11.36
C GLY B 133 -10.89 -16.47 12.11
N ARG B 134 -11.73 -17.36 11.60
CA ARG B 134 -12.96 -17.78 12.27
C ARG B 134 -13.22 -19.22 11.86
N LYS B 135 -13.51 -20.10 12.83
N LYS B 135 -13.51 -20.10 12.83
CA LYS B 135 -13.78 -21.54 12.62
CA LYS B 135 -13.79 -21.53 12.62
C LYS B 135 -14.77 -21.79 11.45
C LYS B 135 -14.77 -21.78 11.45
N GLY B 136 -14.29 -22.54 10.46
CA GLY B 136 -15.04 -22.91 9.25
C GLY B 136 -15.32 -21.77 8.28
N LYS B 137 -14.73 -20.58 8.50
CA LYS B 137 -14.97 -19.36 7.72
C LYS B 137 -13.73 -18.84 6.99
N GLY B 138 -12.58 -19.46 7.23
CA GLY B 138 -11.33 -19.10 6.58
C GLY B 138 -10.46 -18.08 7.29
N ALA B 139 -9.23 -17.88 6.75
CA ALA B 139 -8.29 -16.93 7.30
C ALA B 139 -7.94 -15.90 6.26
N PHE B 140 -7.82 -14.63 6.69
CA PHE B 140 -7.59 -13.53 5.78
C PHE B 140 -6.57 -12.54 6.32
N CYS B 141 -5.92 -11.82 5.40
CA CYS B 141 -5.07 -10.70 5.68
C CYS B 141 -5.49 -9.63 4.69
N ASN B 142 -6.13 -8.54 5.20
CA ASN B 142 -6.59 -7.44 4.37
C ASN B 142 -7.36 -7.88 3.08
N GLY B 143 -8.34 -8.76 3.25
CA GLY B 143 -9.19 -9.28 2.18
C GLY B 143 -8.61 -10.41 1.36
N GLN B 144 -7.37 -10.76 1.59
CA GLN B 144 -6.72 -11.84 0.87
C GLN B 144 -6.87 -13.12 1.69
N LYS B 145 -7.55 -14.15 1.12
CA LYS B 145 -7.69 -15.45 1.81
C LYS B 145 -6.31 -16.12 2.01
N LEU B 146 -6.05 -16.65 3.16
CA LEU B 146 -4.75 -17.26 3.48
C LEU B 146 -4.72 -18.78 3.34
N GLN B 147 -3.56 -19.31 2.93
CA GLN B 147 -3.29 -20.72 2.74
C GLN B 147 -1.83 -21.02 3.17
N VAL B 148 -1.64 -22.02 4.05
CA VAL B 148 -0.30 -22.44 4.50
C VAL B 148 0.50 -23.04 3.31
N SER B 149 1.83 -23.17 3.48
CA SER B 149 2.69 -23.75 2.42
C SER B 149 2.44 -25.27 2.32
N GLN B 150 2.93 -25.89 1.23
CA GLN B 150 2.75 -27.32 0.98
C GLN B 150 3.97 -28.16 1.43
N GLN B 151 5.05 -27.51 1.88
CA GLN B 151 6.32 -28.13 2.29
C GLN B 151 6.28 -28.99 3.56
N GLU B 152 6.31 -30.31 3.37
CA GLU B 152 6.31 -31.30 4.46
C GLU B 152 7.72 -31.78 4.84
N ASP B 153 8.71 -31.61 3.94
CA ASP B 153 10.12 -31.98 4.13
C ASP B 153 10.85 -30.89 4.98
N ILE B 154 11.27 -31.25 6.21
CA ILE B 154 11.97 -30.38 7.17
C ILE B 154 13.30 -29.84 6.61
N THR B 155 13.93 -30.62 5.73
CA THR B 155 15.18 -30.28 5.06
C THR B 155 15.05 -29.08 4.12
N LYS B 156 13.81 -28.75 3.71
CA LYS B 156 13.47 -27.64 2.80
C LYS B 156 12.55 -26.63 3.51
N SER B 157 12.61 -26.63 4.84
CA SER B 157 11.74 -25.83 5.67
C SER B 157 12.32 -24.53 6.17
N LEU B 158 11.48 -23.51 6.30
CA LEU B 158 11.84 -22.22 6.85
C LEU B 158 11.00 -22.03 8.14
N LEU B 159 11.70 -21.93 9.30
CA LEU B 159 11.03 -21.82 10.59
C LEU B 159 11.13 -20.42 11.19
N VAL B 160 10.12 -20.06 11.98
CA VAL B 160 10.03 -18.82 12.74
C VAL B 160 10.03 -19.20 14.23
N THR B 161 10.76 -18.44 15.05
CA THR B 161 10.87 -18.65 16.50
C THR B 161 11.39 -17.37 17.16
N GLU B 162 11.45 -17.36 18.50
CA GLU B 162 11.99 -16.25 19.25
C GLU B 162 12.94 -16.74 20.31
N LEU B 163 13.91 -15.91 20.67
CA LEU B 163 14.87 -16.24 21.72
C LEU B 163 14.23 -16.18 23.10
N GLY B 164 13.21 -15.34 23.22
CA GLY B 164 12.43 -15.16 24.45
C GLY B 164 12.94 -14.04 25.34
N SER B 165 12.12 -13.69 26.34
CA SER B 165 12.42 -12.64 27.33
C SER B 165 13.29 -13.14 28.49
N SER B 166 13.30 -14.47 28.72
CA SER B 166 14.09 -15.07 29.78
C SER B 166 15.59 -14.87 29.56
N ARG B 167 16.27 -14.49 30.64
CA ARG B 167 17.72 -14.30 30.64
C ARG B 167 18.37 -15.31 31.59
N LYS B 168 17.54 -16.28 32.07
CA LYS B 168 17.93 -17.40 32.95
C LYS B 168 18.90 -18.28 32.13
N PRO B 169 20.12 -18.56 32.65
CA PRO B 169 21.13 -19.28 31.85
C PRO B 169 20.71 -20.61 31.21
N GLU B 170 20.05 -21.49 31.98
CA GLU B 170 19.64 -22.81 31.51
C GLU B 170 18.53 -22.80 30.50
N THR B 171 17.61 -21.82 30.57
CA THR B 171 16.54 -21.67 29.57
C THR B 171 17.15 -21.22 28.23
N LEU B 172 18.01 -20.19 28.27
CA LEU B 172 18.73 -19.61 27.13
C LEU B 172 19.59 -20.69 26.42
N ARG B 173 20.19 -21.57 27.20
CA ARG B 173 21.02 -22.69 26.74
C ARG B 173 20.15 -23.68 25.95
N ILE B 174 18.96 -24.06 26.50
CA ILE B 174 18.00 -24.97 25.87
C ILE B 174 17.40 -24.34 24.58
N VAL B 175 17.02 -23.05 24.63
CA VAL B 175 16.48 -22.32 23.47
C VAL B 175 17.50 -22.38 22.32
N LEU B 176 18.78 -22.06 22.61
CA LEU B 176 19.85 -22.05 21.62
C LEU B 176 20.28 -23.42 21.13
N SER B 177 20.27 -24.42 22.01
CA SER B 177 20.58 -25.79 21.69
C SER B 177 19.53 -26.35 20.69
N ASN B 178 18.22 -26.07 20.91
CA ASN B 178 17.11 -26.46 20.04
C ASN B 178 17.24 -25.84 18.66
N MET B 179 17.70 -24.60 18.57
CA MET B 179 17.98 -23.92 17.29
C MET B 179 19.11 -24.63 16.57
N GLU B 180 20.18 -24.99 17.30
CA GLU B 180 21.33 -25.73 16.79
C GLU B 180 20.93 -27.08 16.22
N LYS B 181 20.08 -27.85 16.96
CA LYS B 181 19.59 -29.16 16.53
C LYS B 181 18.82 -29.07 15.24
N LEU B 182 17.93 -28.05 15.13
CA LEU B 182 17.12 -27.80 13.94
C LEU B 182 17.96 -27.36 12.75
N CYS B 183 18.90 -26.40 12.97
CA CYS B 183 19.81 -25.93 11.93
C CYS B 183 20.68 -27.07 11.37
N SER B 184 21.07 -28.03 12.22
CA SER B 184 21.89 -29.21 11.89
C SER B 184 21.18 -30.33 11.12
N ILE B 185 19.83 -30.37 11.06
CA ILE B 185 19.05 -31.40 10.30
C ILE B 185 19.62 -31.66 8.84
N PRO B 186 19.86 -30.65 7.97
CA PRO B 186 19.65 -29.19 8.11
C PRO B 186 18.28 -28.71 7.66
N ILE B 187 17.92 -27.47 7.99
CA ILE B 187 16.69 -26.79 7.55
C ILE B 187 17.15 -25.62 6.67
N HIS B 188 16.23 -24.95 5.93
CA HIS B 188 16.60 -23.78 5.12
C HIS B 188 16.95 -22.55 5.98
N GLY B 189 16.32 -22.41 7.14
CA GLY B 189 16.66 -21.30 8.03
C GLY B 189 15.69 -21.03 9.14
N ILE B 190 16.02 -20.06 10.00
CA ILE B 190 15.25 -19.54 11.13
C ILE B 190 15.07 -18.02 11.00
N ARG B 191 13.87 -17.50 11.27
CA ARG B 191 13.50 -16.07 11.21
C ARG B 191 12.88 -15.64 12.53
N SER B 192 12.94 -14.33 12.86
CA SER B 192 12.38 -13.78 14.11
C SER B 192 11.98 -12.35 13.84
N VAL B 193 10.70 -12.06 13.84
CA VAL B 193 10.20 -10.69 13.64
C VAL B 193 9.94 -10.00 15.00
N GLY B 194 9.95 -10.80 16.06
CA GLY B 194 9.79 -10.31 17.43
C GLY B 194 8.41 -10.28 18.04
N THR B 195 7.48 -11.03 17.48
CA THR B 195 6.10 -11.12 17.96
C THR B 195 5.55 -12.47 17.61
N ALA B 196 5.08 -13.23 18.65
CA ALA B 196 4.52 -14.59 18.51
C ALA B 196 3.34 -14.59 17.52
N ALA B 197 2.40 -13.64 17.68
CA ALA B 197 1.23 -13.54 16.81
C ALA B 197 1.55 -13.32 15.34
N VAL B 198 2.47 -12.37 15.01
CA VAL B 198 2.90 -12.07 13.62
C VAL B 198 3.69 -13.25 13.05
N ASN B 199 4.59 -13.87 13.88
CA ASN B 199 5.35 -15.09 13.48
C ASN B 199 4.37 -16.20 13.07
N MET B 200 3.26 -16.37 13.84
CA MET B 200 2.27 -17.38 13.52
C MET B 200 1.51 -17.00 12.25
N CYS B 201 1.19 -15.70 12.07
CA CYS B 201 0.49 -15.19 10.87
C CYS B 201 1.31 -15.41 9.60
N LEU B 202 2.66 -15.40 9.72
CA LEU B 202 3.59 -15.70 8.61
C LEU B 202 3.52 -17.16 8.20
N VAL B 203 3.15 -18.06 9.14
CA VAL B 203 2.93 -19.47 8.85
C VAL B 203 1.59 -19.58 8.10
N ALA B 204 0.57 -18.84 8.57
CA ALA B 204 -0.77 -18.81 7.94
C ALA B 204 -0.74 -18.33 6.48
N THR B 205 0.11 -17.33 6.15
CA THR B 205 0.23 -16.81 4.77
C THR B 205 1.02 -17.78 3.84
N GLY B 206 1.81 -18.66 4.44
CA GLY B 206 2.68 -19.60 3.74
C GLY B 206 4.10 -19.10 3.57
N GLY B 207 4.40 -17.92 4.08
CA GLY B 207 5.73 -17.31 4.06
C GLY B 207 6.74 -18.10 4.86
N ALA B 208 6.30 -18.77 5.94
CA ALA B 208 7.14 -19.67 6.78
C ALA B 208 6.41 -20.99 6.85
N ASP B 209 7.15 -22.08 7.07
CA ASP B 209 6.51 -23.40 7.11
C ASP B 209 5.99 -23.78 8.47
N ALA B 210 6.66 -23.29 9.51
CA ALA B 210 6.26 -23.58 10.88
C ALA B 210 6.85 -22.57 11.84
N TYR B 211 6.21 -22.47 12.99
CA TYR B 211 6.59 -21.65 14.12
C TYR B 211 6.65 -22.56 15.35
N TYR B 212 7.62 -22.33 16.21
CA TYR B 212 7.66 -23.08 17.45
C TYR B 212 8.15 -22.13 18.54
N GLU B 213 7.63 -22.31 19.76
CA GLU B 213 8.06 -21.56 20.91
C GLU B 213 7.60 -22.17 22.21
N MET B 214 8.46 -22.02 23.23
CA MET B 214 8.16 -22.38 24.61
C MET B 214 8.40 -21.14 25.47
N GLY B 215 7.45 -20.85 26.35
CA GLY B 215 7.57 -19.71 27.25
C GLY B 215 6.59 -18.60 26.96
N ILE B 216 5.90 -18.70 25.82
CA ILE B 216 4.85 -17.75 25.45
C ILE B 216 3.60 -18.03 26.28
N HIS B 217 2.55 -17.22 26.14
CA HIS B 217 1.36 -17.42 26.94
C HIS B 217 0.13 -17.59 26.08
N CYS B 218 -1.03 -17.95 26.71
CA CYS B 218 -2.30 -18.12 26.01
C CYS B 218 -2.67 -16.91 25.11
N TRP B 219 -2.45 -15.66 25.61
CA TRP B 219 -2.76 -14.39 24.92
C TRP B 219 -1.87 -14.15 23.72
N ASP B 220 -0.68 -14.78 23.69
CA ASP B 220 0.26 -14.66 22.56
C ASP B 220 -0.22 -15.47 21.37
N MET B 221 -0.98 -16.57 21.64
CA MET B 221 -1.38 -17.50 20.61
C MET B 221 -2.86 -17.70 20.30
N ALA B 222 -3.76 -17.20 21.18
CA ALA B 222 -5.21 -17.32 21.04
C ALA B 222 -5.75 -16.68 19.76
N GLY B 223 -5.17 -15.54 19.37
CA GLY B 223 -5.57 -14.83 18.16
C GLY B 223 -5.12 -15.50 16.88
N ALA B 224 -3.83 -15.78 16.79
CA ALA B 224 -3.16 -16.36 15.62
C ALA B 224 -3.43 -17.86 15.40
N GLY B 225 -3.71 -18.59 16.47
CA GLY B 225 -3.95 -20.04 16.44
C GLY B 225 -4.98 -20.47 15.42
N ILE B 226 -6.17 -19.81 15.47
CA ILE B 226 -7.30 -20.09 14.56
C ILE B 226 -7.00 -19.58 13.14
N ILE B 227 -6.14 -18.54 13.00
CA ILE B 227 -5.70 -18.01 11.70
C ILE B 227 -4.87 -19.09 10.99
N VAL B 228 -3.96 -19.79 11.73
CA VAL B 228 -3.12 -20.90 11.20
C VAL B 228 -3.99 -22.08 10.73
N THR B 229 -4.91 -22.55 11.60
CA THR B 229 -5.78 -23.70 11.29
C THR B 229 -6.77 -23.40 10.16
N GLU B 230 -7.30 -22.17 10.12
CA GLU B 230 -8.20 -21.75 9.02
C GLU B 230 -7.47 -21.57 7.68
N ALA B 231 -6.11 -21.40 7.72
CA ALA B 231 -5.25 -21.32 6.54
C ALA B 231 -4.81 -22.74 6.07
N GLY B 232 -5.22 -23.77 6.81
CA GLY B 232 -4.95 -25.18 6.51
C GLY B 232 -3.89 -25.81 7.37
N GLY B 233 -3.40 -25.07 8.35
CA GLY B 233 -2.34 -25.51 9.24
C GLY B 233 -2.76 -26.31 10.44
N VAL B 234 -1.78 -26.70 11.25
CA VAL B 234 -2.01 -27.49 12.46
C VAL B 234 -1.33 -26.86 13.69
N LEU B 235 -1.95 -27.05 14.85
CA LEU B 235 -1.39 -26.64 16.13
C LEU B 235 -1.11 -27.91 16.89
N MET B 236 0.04 -27.93 17.56
CA MET B 236 0.50 -29.09 18.31
C MET B 236 1.35 -28.65 19.48
N ASP B 237 1.40 -29.48 20.54
CA ASP B 237 2.29 -29.26 21.69
C ASP B 237 3.71 -29.64 21.23
N VAL B 238 4.76 -29.09 21.89
CA VAL B 238 6.14 -29.43 21.48
C VAL B 238 6.49 -30.91 21.69
N THR B 239 5.65 -31.65 22.44
CA THR B 239 5.83 -33.08 22.69
C THR B 239 5.36 -33.94 21.51
N GLY B 240 4.40 -33.40 20.76
CA GLY B 240 3.73 -34.08 19.65
C GLY B 240 2.30 -34.37 20.03
N GLY B 241 1.98 -34.07 21.29
CA GLY B 241 0.65 -34.24 21.89
C GLY B 241 -0.34 -33.18 21.44
N PRO B 242 -1.63 -33.29 21.83
CA PRO B 242 -2.62 -32.28 21.41
C PRO B 242 -2.27 -30.90 21.93
N PHE B 243 -2.55 -29.86 21.13
CA PHE B 243 -2.26 -28.48 21.50
C PHE B 243 -3.01 -28.06 22.77
N ASP B 244 -2.31 -27.39 23.69
CA ASP B 244 -2.87 -26.93 24.96
C ASP B 244 -2.56 -25.45 25.13
N LEU B 245 -3.60 -24.60 25.04
CA LEU B 245 -3.49 -23.15 25.13
C LEU B 245 -2.83 -22.62 26.40
N MET B 246 -2.97 -23.35 27.52
CA MET B 246 -2.43 -22.97 28.83
C MET B 246 -1.05 -23.56 29.14
N SER B 247 -0.51 -24.38 28.22
CA SER B 247 0.76 -25.10 28.39
C SER B 247 2.03 -24.29 28.18
N ARG B 248 1.94 -23.05 27.61
CA ARG B 248 3.12 -22.18 27.36
C ARG B 248 4.01 -22.69 26.21
N ARG B 249 3.52 -23.63 25.42
CA ARG B 249 4.25 -24.28 24.33
C ARG B 249 3.37 -24.42 23.13
N ILE B 250 3.99 -24.36 21.94
CA ILE B 250 3.29 -24.49 20.66
C ILE B 250 4.25 -24.83 19.52
N ILE B 251 3.70 -25.56 18.57
CA ILE B 251 4.21 -25.80 17.26
C ILE B 251 2.99 -25.45 16.37
N ALA B 252 3.07 -24.35 15.61
CA ALA B 252 2.03 -23.94 14.66
C ALA B 252 2.68 -24.22 13.30
N ALA B 253 2.15 -25.22 12.56
CA ALA B 253 2.78 -25.66 11.30
C ALA B 253 1.83 -25.76 10.12
N ASN B 254 2.41 -25.88 8.91
CA ASN B 254 1.64 -26.05 7.69
C ASN B 254 1.00 -27.46 7.63
N SER B 255 1.63 -28.46 8.31
CA SER B 255 1.21 -29.86 8.29
C SER B 255 1.59 -30.62 9.56
N ILE B 256 0.91 -31.77 9.82
CA ILE B 256 1.19 -32.66 10.95
C ILE B 256 2.59 -33.24 10.81
N THR B 257 2.95 -33.62 9.57
CA THR B 257 4.26 -34.21 9.22
C THR B 257 5.41 -33.34 9.74
N LEU B 258 5.44 -32.06 9.35
CA LEU B 258 6.46 -31.10 9.76
C LEU B 258 6.39 -30.81 11.27
N ALA B 259 5.17 -30.64 11.81
CA ALA B 259 4.95 -30.39 13.24
C ALA B 259 5.53 -31.51 14.10
N LYS B 260 5.27 -32.79 13.71
CA LYS B 260 5.77 -33.96 14.42
C LYS B 260 7.28 -34.06 14.31
N ARG B 261 7.84 -33.68 13.15
CA ARG B 261 9.28 -33.72 12.91
C ARG B 261 10.05 -32.73 13.79
N ILE B 262 9.53 -31.50 13.96
CA ILE B 262 10.08 -30.44 14.80
C ILE B 262 10.06 -30.89 16.27
N ALA B 263 8.93 -31.49 16.72
CA ALA B 263 8.69 -32.01 18.08
C ALA B 263 9.77 -32.99 18.54
N LYS B 264 10.27 -33.83 17.62
CA LYS B 264 11.34 -34.82 17.85
C LYS B 264 12.67 -34.12 18.17
N GLU B 265 12.89 -32.89 17.70
CA GLU B 265 14.12 -32.13 17.94
C GLU B 265 14.17 -31.28 19.19
N ILE B 266 13.00 -30.98 19.77
CA ILE B 266 12.88 -30.09 20.89
C ILE B 266 13.03 -30.68 22.27
N GLU B 267 13.98 -30.13 23.02
CA GLU B 267 14.17 -30.40 24.43
C GLU B 267 13.23 -29.39 25.13
N ILE B 268 12.33 -29.89 25.99
CA ILE B 268 11.34 -29.07 26.70
C ILE B 268 11.98 -28.21 27.79
N ILE B 269 11.52 -26.95 27.94
CA ILE B 269 11.95 -26.06 29.02
C ILE B 269 10.89 -26.20 30.12
N PRO B 270 11.25 -26.45 31.42
CA PRO B 270 10.21 -26.52 32.47
C PRO B 270 9.57 -25.15 32.65
N LEU B 271 8.23 -25.10 32.58
CA LEU B 271 7.49 -23.83 32.65
C LEU B 271 6.22 -23.97 33.44
N GLN B 272 5.86 -22.91 34.19
CA GLN B 272 4.62 -22.84 34.95
C GLN B 272 3.50 -22.52 33.96
N ARG B 273 2.46 -23.37 33.96
CA ARG B 273 1.28 -23.23 33.09
C ARG B 273 0.51 -21.93 33.39
N ASP B 274 -0.26 -21.45 32.39
CA ASP B 274 -1.06 -20.24 32.55
C ASP B 274 -2.28 -20.44 33.46
N ASP B 275 -2.69 -21.72 33.69
CA ASP B 275 -3.82 -22.09 34.55
C ASP B 275 -3.41 -22.62 35.94
N GLU B 276 -2.10 -22.79 36.20
CA GLU B 276 -1.58 -23.27 37.49
C GLU B 276 -1.39 -22.13 38.48
N ASP C 3 21.68 23.21 -8.45
CA ASP C 3 22.49 23.48 -7.27
C ASP C 3 21.78 24.39 -6.23
N PRO C 4 21.63 25.75 -6.38
CA PRO C 4 20.88 26.50 -5.34
C PRO C 4 19.39 26.18 -5.32
N TRP C 5 18.79 25.90 -6.51
CA TRP C 5 17.37 25.56 -6.62
C TRP C 5 17.07 24.11 -6.25
N GLN C 6 18.12 23.27 -6.20
CA GLN C 6 17.97 21.87 -5.80
C GLN C 6 17.82 21.80 -4.29
N GLU C 7 18.53 22.69 -3.58
CA GLU C 7 18.47 22.88 -2.13
C GLU C 7 17.03 23.24 -1.70
N CYS C 8 16.40 24.20 -2.42
CA CYS C 8 15.01 24.68 -2.20
C CYS C 8 14.01 23.52 -2.46
N MET C 9 14.21 22.76 -3.58
CA MET C 9 13.38 21.62 -3.99
C MET C 9 13.40 20.52 -2.95
N ASP C 10 14.60 20.13 -2.46
CA ASP C 10 14.79 19.12 -1.42
C ASP C 10 14.03 19.50 -0.13
N TYR C 11 14.10 20.78 0.25
CA TYR C 11 13.38 21.32 1.41
C TYR C 11 11.86 21.28 1.16
N ALA C 12 11.42 21.69 -0.06
CA ALA C 12 10.01 21.72 -0.47
C ALA C 12 9.34 20.33 -0.44
N VAL C 13 10.08 19.25 -0.78
CA VAL C 13 9.60 17.85 -0.74
C VAL C 13 9.35 17.45 0.74
N ILE C 14 10.29 17.77 1.64
CA ILE C 14 10.19 17.52 3.09
C ILE C 14 8.93 18.22 3.65
N LEU C 15 8.71 19.48 3.25
CA LEU C 15 7.55 20.28 3.67
C LEU C 15 6.23 19.71 3.13
N ALA C 16 6.19 19.31 1.85
CA ALA C 16 5.03 18.69 1.21
C ALA C 16 4.61 17.41 1.98
N ARG C 17 5.60 16.59 2.42
CA ARG C 17 5.39 15.40 3.24
C ARG C 17 4.83 15.73 4.63
N GLN C 18 5.34 16.81 5.27
CA GLN C 18 4.83 17.31 6.57
C GLN C 18 3.37 17.73 6.41
N ALA C 19 3.05 18.43 5.31
CA ALA C 19 1.73 18.90 4.96
C ALA C 19 0.75 17.73 4.73
N GLY C 20 1.22 16.68 4.05
CA GLY C 20 0.46 15.47 3.79
C GLY C 20 0.08 14.73 5.06
N GLU C 21 0.99 14.70 6.05
CA GLU C 21 0.78 14.11 7.37
C GLU C 21 -0.31 14.87 8.11
N MET C 22 -0.31 16.21 8.01
CA MET C 22 -1.30 17.09 8.65
C MET C 22 -2.68 16.84 8.05
N ILE C 23 -2.76 16.74 6.70
CA ILE C 23 -3.98 16.49 5.94
C ILE C 23 -4.58 15.13 6.33
N ARG C 24 -3.79 14.04 6.23
CA ARG C 24 -4.19 12.67 6.58
C ARG C 24 -4.66 12.53 8.01
N GLU C 25 -4.07 13.32 8.93
CA GLU C 25 -4.46 13.34 10.33
C GLU C 25 -5.81 14.04 10.48
N ALA C 26 -5.99 15.18 9.77
CA ALA C 26 -7.23 15.96 9.83
C ALA C 26 -8.42 15.18 9.25
N LEU C 27 -8.16 14.28 8.28
CA LEU C 27 -9.14 13.41 7.64
C LEU C 27 -9.78 12.42 8.62
N LYS C 28 -9.06 12.05 9.69
CA LYS C 28 -9.51 11.13 10.75
C LYS C 28 -10.51 11.84 11.68
N ASN C 29 -10.49 13.19 11.69
CA ASN C 29 -11.34 13.98 12.58
C ASN C 29 -12.48 14.74 11.87
N GLU C 30 -13.35 15.39 12.68
CA GLU C 30 -14.48 16.18 12.21
C GLU C 30 -13.94 17.56 11.84
N MET C 31 -14.53 18.16 10.80
CA MET C 31 -14.05 19.44 10.27
C MET C 31 -15.05 20.57 10.42
N ASP C 32 -14.52 21.79 10.47
CA ASP C 32 -15.30 23.01 10.46
C ASP C 32 -15.19 23.51 9.02
N VAL C 33 -16.27 23.46 8.26
CA VAL C 33 -16.24 23.84 6.84
C VAL C 33 -16.76 25.25 6.61
N MET C 34 -15.96 26.08 5.95
CA MET C 34 -16.34 27.45 5.62
C MET C 34 -16.42 27.63 4.12
N ILE C 35 -17.23 28.55 3.64
CA ILE C 35 -17.34 28.86 2.21
C ILE C 35 -16.57 30.16 1.88
N LYS C 36 -16.11 30.29 0.63
CA LYS C 36 -15.40 31.48 0.18
C LYS C 36 -16.22 32.23 -0.90
N SER C 37 -15.88 32.11 -2.19
CA SER C 37 -16.57 32.83 -3.26
C SER C 37 -17.97 32.32 -3.63
N SER C 38 -18.25 31.02 -3.37
CA SER C 38 -19.52 30.39 -3.71
C SER C 38 -19.83 29.26 -2.70
N PRO C 39 -21.03 28.60 -2.72
CA PRO C 39 -21.29 27.51 -1.75
C PRO C 39 -20.45 26.26 -1.99
N ALA C 40 -19.84 26.16 -3.19
CA ALA C 40 -18.99 25.05 -3.61
C ALA C 40 -17.47 25.40 -3.51
N ASP C 41 -17.13 26.60 -3.02
CA ASP C 41 -15.75 27.07 -2.83
C ASP C 41 -15.46 27.00 -1.33
N LEU C 42 -14.92 25.85 -0.90
CA LEU C 42 -14.70 25.51 0.50
C LEU C 42 -13.32 25.80 1.04
N VAL C 43 -13.22 25.93 2.37
CA VAL C 43 -11.99 26.11 3.11
C VAL C 43 -12.16 25.54 4.52
N THR C 44 -11.10 24.97 5.08
CA THR C 44 -11.08 24.42 6.44
C THR C 44 -9.90 25.02 7.19
N VAL C 45 -9.82 24.78 8.51
CA VAL C 45 -8.73 25.22 9.37
C VAL C 45 -7.44 24.53 8.90
N THR C 46 -7.55 23.29 8.35
CA THR C 46 -6.42 22.50 7.83
C THR C 46 -5.71 23.20 6.66
N ASP C 47 -6.46 23.83 5.72
CA ASP C 47 -5.88 24.58 4.60
C ASP C 47 -5.02 25.69 5.17
N GLN C 48 -5.59 26.41 6.17
CA GLN C 48 -4.99 27.54 6.83
C GLN C 48 -3.77 27.13 7.64
N LYS C 49 -3.88 26.06 8.43
CA LYS C 49 -2.78 25.54 9.24
C LYS C 49 -1.63 25.00 8.36
N VAL C 50 -1.95 24.29 7.26
CA VAL C 50 -0.95 23.78 6.30
C VAL C 50 -0.23 24.99 5.65
N GLU C 51 -0.99 26.01 5.19
CA GLU C 51 -0.39 27.20 4.55
C GLU C 51 0.51 27.98 5.52
N LYS C 52 0.09 28.11 6.77
CA LYS C 52 0.86 28.78 7.82
C LYS C 52 2.17 28.05 8.05
N MET C 53 2.14 26.70 8.10
CA MET C 53 3.33 25.88 8.28
C MET C 53 4.29 26.04 7.08
N LEU C 54 3.76 25.96 5.86
CA LEU C 54 4.53 26.08 4.62
C LEU C 54 5.17 27.46 4.47
N MET C 55 4.38 28.53 4.59
CA MET C 55 4.83 29.93 4.52
C MET C 55 5.90 30.24 5.58
N SER C 56 5.68 29.83 6.85
CA SER C 56 6.64 30.04 7.95
C SER C 56 7.96 29.30 7.74
N SER C 57 7.88 28.03 7.31
CA SER C 57 9.05 27.18 7.07
C SER C 57 9.93 27.69 5.92
N ILE C 58 9.31 28.15 4.82
CA ILE C 58 10.05 28.70 3.68
C ILE C 58 10.64 30.08 4.01
N LYS C 59 9.85 30.96 4.69
CA LYS C 59 10.30 32.30 5.10
C LYS C 59 11.50 32.23 6.07
N GLU C 60 11.56 31.20 6.93
CA GLU C 60 12.68 31.03 7.85
C GLU C 60 13.93 30.62 7.07
N LYS C 61 13.81 29.63 6.17
CA LYS C 61 14.95 29.16 5.38
C LYS C 61 15.35 30.12 4.23
N TYR C 62 14.38 30.72 3.52
CA TYR C 62 14.61 31.62 2.38
C TYR C 62 13.89 32.97 2.55
N PRO C 63 14.33 33.81 3.54
CA PRO C 63 13.61 35.07 3.81
C PRO C 63 13.51 36.09 2.69
N CYS C 64 14.51 36.14 1.80
CA CYS C 64 14.52 37.09 0.69
C CYS C 64 13.69 36.63 -0.53
N HIS C 65 13.09 35.43 -0.47
CA HIS C 65 12.22 34.93 -1.55
C HIS C 65 10.82 35.58 -1.48
N SER C 66 10.05 35.54 -2.60
CA SER C 66 8.69 36.07 -2.68
C SER C 66 7.69 34.91 -2.46
N PHE C 67 6.51 35.18 -1.91
CA PHE C 67 5.55 34.09 -1.63
C PHE C 67 4.14 34.40 -2.09
N ILE C 68 3.46 33.40 -2.69
CA ILE C 68 2.07 33.47 -3.17
C ILE C 68 1.36 32.19 -2.69
N GLY C 69 0.29 32.35 -1.93
CA GLY C 69 -0.46 31.23 -1.38
C GLY C 69 -1.94 31.47 -1.46
N GLU C 70 -2.71 30.42 -1.80
CA GLU C 70 -4.17 30.45 -1.90
C GLU C 70 -4.85 31.14 -0.70
N GLU C 71 -4.58 30.66 0.50
CA GLU C 71 -5.19 31.19 1.72
C GLU C 71 -4.67 32.53 2.17
N SER C 72 -3.44 32.89 1.77
CA SER C 72 -2.86 34.21 2.07
C SER C 72 -3.57 35.28 1.25
N VAL C 73 -3.91 34.98 -0.02
CA VAL C 73 -4.67 35.86 -0.91
C VAL C 73 -6.10 36.02 -0.34
N ALA C 74 -6.70 34.91 0.17
CA ALA C 74 -8.03 34.91 0.80
C ALA C 74 -8.05 35.79 2.08
N ALA C 75 -6.89 35.92 2.76
CA ALA C 75 -6.70 36.75 3.96
C ALA C 75 -6.41 38.23 3.62
N GLY C 76 -6.25 38.54 2.33
CA GLY C 76 -6.03 39.91 1.89
C GLY C 76 -4.69 40.30 1.31
N GLU C 77 -3.72 39.38 1.24
CA GLU C 77 -2.40 39.63 0.68
C GLU C 77 -2.45 39.78 -0.85
N LYS C 78 -1.89 40.89 -1.35
CA LYS C 78 -1.89 41.26 -2.76
C LYS C 78 -0.78 40.57 -3.54
N THR C 79 -1.14 39.91 -4.66
CA THR C 79 -0.20 39.21 -5.54
C THR C 79 0.55 40.19 -6.44
N VAL C 80 1.87 40.30 -6.24
CA VAL C 80 2.77 41.10 -7.07
C VAL C 80 3.88 40.18 -7.65
N PHE C 81 3.59 39.58 -8.84
CA PHE C 81 4.46 38.62 -9.54
C PHE C 81 5.70 39.30 -10.14
N THR C 82 6.90 38.92 -9.65
CA THR C 82 8.18 39.51 -10.10
C THR C 82 9.14 38.44 -10.64
N GLU C 83 10.34 38.89 -11.06
CA GLU C 83 11.45 38.07 -11.58
C GLU C 83 12.17 37.32 -10.44
N GLN C 84 11.89 37.70 -9.17
CA GLN C 84 12.48 37.16 -7.93
C GLN C 84 12.11 35.69 -7.70
N PRO C 85 12.93 34.89 -6.94
CA PRO C 85 12.52 33.51 -6.64
C PRO C 85 11.22 33.55 -5.86
N THR C 86 10.15 33.02 -6.46
CA THR C 86 8.80 33.03 -5.91
C THR C 86 8.29 31.63 -5.65
N TRP C 87 7.66 31.47 -4.48
CA TRP C 87 7.03 30.22 -4.06
C TRP C 87 5.50 30.38 -4.17
N VAL C 88 4.86 29.56 -5.02
CA VAL C 88 3.43 29.56 -5.31
C VAL C 88 2.81 28.31 -4.67
N ILE C 89 2.01 28.54 -3.62
CA ILE C 89 1.47 27.47 -2.78
C ILE C 89 -0.02 27.26 -2.78
N ASP C 90 -0.41 25.98 -2.88
CA ASP C 90 -1.77 25.49 -2.70
C ASP C 90 -1.65 24.48 -1.53
N PRO C 91 -2.09 24.86 -0.31
CA PRO C 91 -1.90 23.94 0.84
C PRO C 91 -2.71 22.65 0.76
N ILE C 92 -3.94 22.73 0.22
CA ILE C 92 -4.83 21.60 -0.06
C ILE C 92 -5.47 21.89 -1.39
N ASP C 93 -5.07 21.17 -2.42
CA ASP C 93 -5.66 21.29 -3.75
C ASP C 93 -6.67 20.18 -3.76
N GLY C 94 -7.94 20.56 -3.81
CA GLY C 94 -9.05 19.62 -3.71
C GLY C 94 -9.62 19.60 -2.31
N THR C 95 -10.04 20.78 -1.81
CA THR C 95 -10.63 20.93 -0.46
C THR C 95 -11.99 20.23 -0.35
N THR C 96 -12.79 20.27 -1.44
CA THR C 96 -14.08 19.60 -1.53
C THR C 96 -13.88 18.09 -1.34
N ASN C 97 -12.83 17.52 -1.99
CA ASN C 97 -12.45 16.12 -1.87
C ASN C 97 -12.04 15.81 -0.44
N PHE C 98 -11.23 16.69 0.17
CA PHE C 98 -10.75 16.56 1.55
C PHE C 98 -11.93 16.49 2.54
N VAL C 99 -12.88 17.42 2.45
CA VAL C 99 -14.09 17.52 3.30
C VAL C 99 -14.95 16.24 3.20
N HIS C 100 -15.01 15.66 1.98
CA HIS C 100 -15.78 14.48 1.67
C HIS C 100 -15.06 13.15 1.78
N ARG C 101 -13.72 13.16 1.95
CA ARG C 101 -12.87 11.96 1.99
C ARG C 101 -12.80 11.28 0.61
N PHE C 102 -12.94 12.07 -0.46
CA PHE C 102 -12.82 11.60 -1.84
C PHE C 102 -11.28 11.48 -2.00
N PRO C 103 -10.76 10.28 -2.32
CA PRO C 103 -9.31 10.02 -2.18
C PRO C 103 -8.22 10.72 -3.00
N PHE C 104 -8.52 11.94 -3.51
CA PHE C 104 -7.56 12.72 -4.28
C PHE C 104 -7.43 14.09 -3.66
N VAL C 105 -6.43 14.22 -2.81
CA VAL C 105 -6.14 15.47 -2.13
C VAL C 105 -4.63 15.74 -2.17
N ALA C 106 -4.27 16.90 -2.77
CA ALA C 106 -2.88 17.24 -2.97
C ALA C 106 -2.38 18.47 -2.24
N VAL C 107 -1.05 18.55 -2.07
CA VAL C 107 -0.32 19.72 -1.61
C VAL C 107 0.42 20.12 -2.88
N SER C 108 0.32 21.41 -3.29
CA SER C 108 1.00 21.88 -4.49
C SER C 108 2.00 23.00 -4.17
N ILE C 109 3.28 22.81 -4.56
CA ILE C 109 4.36 23.77 -4.35
C ILE C 109 5.04 24.08 -5.69
N GLY C 110 4.96 25.32 -6.11
CA GLY C 110 5.57 25.77 -7.35
C GLY C 110 6.68 26.77 -7.08
N PHE C 111 7.77 26.67 -7.83
CA PHE C 111 8.91 27.59 -7.68
C PHE C 111 9.29 28.24 -9.01
N LEU C 112 9.11 29.54 -9.08
CA LEU C 112 9.38 30.34 -10.26
C LEU C 112 10.50 31.35 -10.06
N VAL C 113 11.43 31.37 -11.00
CA VAL C 113 12.56 32.29 -11.04
C VAL C 113 12.51 32.90 -12.44
N ASN C 114 12.65 34.24 -12.51
CA ASN C 114 12.58 35.06 -13.74
C ASN C 114 11.22 34.87 -14.45
N LYS C 115 10.16 34.71 -13.65
CA LYS C 115 8.76 34.45 -14.07
C LYS C 115 8.62 33.12 -14.88
N GLU C 116 9.54 32.18 -14.64
CA GLU C 116 9.57 30.89 -15.32
C GLU C 116 9.64 29.74 -14.33
N MET C 117 8.82 28.70 -14.57
CA MET C 117 8.74 27.50 -13.73
C MET C 117 10.07 26.80 -13.63
N GLU C 118 10.62 26.74 -12.40
CA GLU C 118 11.89 26.07 -12.12
C GLU C 118 11.66 24.60 -11.68
N PHE C 119 10.93 24.40 -10.57
CA PHE C 119 10.52 23.11 -10.02
C PHE C 119 9.06 23.18 -9.54
N GLY C 120 8.45 22.01 -9.43
CA GLY C 120 7.08 21.86 -9.01
C GLY C 120 6.91 20.56 -8.24
N ILE C 121 6.28 20.67 -7.07
CA ILE C 121 5.99 19.57 -6.17
C ILE C 121 4.50 19.41 -6.07
N VAL C 122 3.99 18.20 -6.33
CA VAL C 122 2.57 17.86 -6.17
C VAL C 122 2.50 16.55 -5.37
N TYR C 123 2.03 16.64 -4.11
CA TYR C 123 1.94 15.44 -3.30
C TYR C 123 0.49 15.00 -3.12
N SER C 124 0.08 13.91 -3.82
CA SER C 124 -1.27 13.36 -3.69
C SER C 124 -1.15 12.47 -2.47
N CYS C 125 -1.42 13.07 -1.31
CA CYS C 125 -1.17 12.51 0.02
C CYS C 125 -1.99 11.33 0.51
N VAL C 126 -3.23 11.15 0.04
CA VAL C 126 -4.05 10.01 0.44
C VAL C 126 -3.53 8.74 -0.26
N GLU C 127 -3.21 8.85 -1.56
CA GLU C 127 -2.67 7.70 -2.29
C GLU C 127 -1.13 7.55 -2.14
N ASP C 128 -0.48 8.52 -1.46
CA ASP C 128 0.97 8.57 -1.21
C ASP C 128 1.77 8.58 -2.52
N LYS C 129 1.42 9.52 -3.41
CA LYS C 129 2.09 9.69 -4.68
C LYS C 129 2.74 11.05 -4.75
N MET C 130 4.07 11.07 -4.73
CA MET C 130 4.86 12.28 -4.78
C MET C 130 5.28 12.57 -6.21
N TYR C 131 4.66 13.56 -6.82
CA TYR C 131 4.98 14.01 -8.17
C TYR C 131 5.94 15.19 -8.10
N THR C 132 7.03 15.12 -8.87
CA THR C 132 8.04 16.19 -8.94
C THR C 132 8.46 16.45 -10.39
N GLY C 133 8.94 17.65 -10.63
CA GLY C 133 9.42 18.09 -11.92
C GLY C 133 10.35 19.26 -11.72
N ARG C 134 11.43 19.31 -12.49
CA ARG C 134 12.41 20.39 -12.46
C ARG C 134 12.93 20.61 -13.87
N LYS C 135 12.98 21.89 -14.34
CA LYS C 135 13.44 22.27 -15.68
C LYS C 135 14.74 21.53 -16.11
N GLY C 136 14.65 20.78 -17.21
CA GLY C 136 15.75 19.99 -17.78
C GLY C 136 16.21 18.79 -16.96
N LYS C 137 15.45 18.43 -15.92
CA LYS C 137 15.79 17.32 -15.00
C LYS C 137 14.77 16.18 -14.98
N GLY C 138 13.66 16.35 -15.70
CA GLY C 138 12.62 15.33 -15.81
C GLY C 138 11.52 15.43 -14.76
N ALA C 139 10.47 14.63 -14.99
CA ALA C 139 9.30 14.51 -14.11
C ALA C 139 9.25 13.09 -13.55
N PHE C 140 8.88 12.97 -12.28
CA PHE C 140 8.81 11.68 -11.60
C PHE C 140 7.59 11.56 -10.71
N CYS C 141 7.18 10.32 -10.44
CA CYS C 141 6.17 9.96 -9.48
C CYS C 141 6.78 8.81 -8.69
N ASN C 142 7.12 9.06 -7.42
CA ASN C 142 7.74 8.10 -6.51
C ASN C 142 8.98 7.44 -7.12
N GLY C 143 9.82 8.23 -7.76
CA GLY C 143 11.06 7.74 -8.38
C GLY C 143 10.94 7.18 -9.80
N GLN C 144 9.70 6.92 -10.26
CA GLN C 144 9.43 6.43 -11.60
C GLN C 144 9.36 7.62 -12.57
N LYS C 145 10.21 7.64 -13.61
CA LYS C 145 10.21 8.73 -14.60
C LYS C 145 8.90 8.77 -15.39
N LEU C 146 8.32 9.97 -15.58
CA LEU C 146 7.05 10.21 -16.26
C LEU C 146 7.21 10.61 -17.71
N GLN C 147 6.25 10.17 -18.54
CA GLN C 147 6.18 10.46 -19.96
C GLN C 147 4.70 10.62 -20.39
N VAL C 148 4.37 11.73 -21.09
CA VAL C 148 3.02 11.98 -21.61
C VAL C 148 2.67 10.92 -22.70
N SER C 149 1.37 10.77 -23.01
CA SER C 149 0.93 9.83 -24.03
C SER C 149 1.33 10.31 -25.43
N GLN C 150 1.25 9.41 -26.42
CA GLN C 150 1.63 9.72 -27.79
C GLN C 150 0.43 10.13 -28.68
N GLN C 151 -0.80 10.04 -28.14
CA GLN C 151 -2.05 10.34 -28.83
C GLN C 151 -2.28 11.81 -29.23
N GLU C 152 -2.10 12.10 -30.53
CA GLU C 152 -2.32 13.44 -31.10
C GLU C 152 -3.73 13.59 -31.70
N ASP C 153 -4.40 12.47 -32.04
CA ASP C 153 -5.76 12.42 -32.60
C ASP C 153 -6.81 12.64 -31.48
N ILE C 154 -7.52 13.80 -31.54
CA ILE C 154 -8.57 14.22 -30.58
C ILE C 154 -9.70 13.19 -30.47
N THR C 155 -9.98 12.52 -31.59
CA THR C 155 -11.02 11.51 -31.73
C THR C 155 -10.75 10.25 -30.84
N LYS C 156 -9.49 10.05 -30.42
CA LYS C 156 -9.03 8.93 -29.60
C LYS C 156 -8.47 9.45 -28.27
N SER C 157 -8.91 10.66 -27.89
CA SER C 157 -8.41 11.33 -26.70
C SER C 157 -9.27 11.20 -25.46
N LEU C 158 -8.60 11.18 -24.30
CA LEU C 158 -9.26 11.11 -23.00
C LEU C 158 -8.87 12.39 -22.26
N LEU C 159 -9.88 13.21 -21.94
CA LEU C 159 -9.62 14.49 -21.31
C LEU C 159 -9.99 14.51 -19.86
N VAL C 160 -9.29 15.36 -19.10
CA VAL C 160 -9.58 15.66 -17.70
C VAL C 160 -9.96 17.15 -17.59
N THR C 161 -10.99 17.46 -16.79
CA THR C 161 -11.47 18.81 -16.52
C THR C 161 -12.31 18.83 -15.25
N GLU C 162 -12.75 20.01 -14.82
CA GLU C 162 -13.61 20.15 -13.65
C GLU C 162 -14.76 21.09 -13.98
N LEU C 163 -15.89 20.88 -13.31
CA LEU C 163 -17.05 21.74 -13.48
C LEU C 163 -16.83 23.13 -12.86
N GLY C 164 -15.97 23.22 -11.84
CA GLY C 164 -15.63 24.47 -11.17
C GLY C 164 -16.49 24.75 -9.96
N SER C 165 -16.05 25.72 -9.14
CA SER C 165 -16.73 26.10 -7.90
C SER C 165 -17.89 27.08 -8.12
N SER C 166 -17.89 27.83 -9.26
CA SER C 166 -18.96 28.77 -9.56
C SER C 166 -20.31 28.07 -9.77
N ARG C 167 -21.35 28.66 -9.22
CA ARG C 167 -22.72 28.18 -9.33
C ARG C 167 -23.58 29.21 -10.08
N LYS C 168 -22.91 30.25 -10.65
CA LYS C 168 -23.51 31.31 -11.46
C LYS C 168 -24.07 30.64 -12.74
N PRO C 169 -25.36 30.85 -13.07
CA PRO C 169 -25.97 30.17 -14.24
C PRO C 169 -25.24 30.23 -15.58
N GLU C 170 -24.80 31.44 -15.98
CA GLU C 170 -24.10 31.67 -17.24
C GLU C 170 -22.73 30.96 -17.33
N THR C 171 -21.95 30.97 -16.24
CA THR C 171 -20.64 30.32 -16.18
C THR C 171 -20.80 28.81 -16.34
N LEU C 172 -21.74 28.21 -15.57
CA LEU C 172 -22.09 26.79 -15.57
C LEU C 172 -22.56 26.34 -16.96
N ARG C 173 -23.30 27.22 -17.67
CA ARG C 173 -23.79 27.00 -19.02
C ARG C 173 -22.60 26.89 -19.99
N ILE C 174 -21.64 27.84 -19.91
CA ILE C 174 -20.43 27.87 -20.75
C ILE C 174 -19.51 26.65 -20.47
N VAL C 175 -19.33 26.31 -19.18
CA VAL C 175 -18.53 25.14 -18.76
C VAL C 175 -19.10 23.88 -19.39
N LEU C 176 -20.42 23.69 -19.28
CA LEU C 176 -21.12 22.53 -19.80
C LEU C 176 -21.22 22.47 -21.32
N SER C 177 -21.34 23.64 -21.98
CA SER C 177 -21.41 23.76 -23.45
C SER C 177 -20.05 23.34 -24.06
N ASN C 178 -18.93 23.73 -23.40
CA ASN C 178 -17.57 23.37 -23.79
C ASN C 178 -17.34 21.86 -23.71
N MET C 179 -17.90 21.22 -22.67
CA MET C 179 -17.85 19.77 -22.51
C MET C 179 -18.65 19.10 -23.63
N GLU C 180 -19.83 19.64 -23.95
CA GLU C 180 -20.71 19.16 -25.01
C GLU C 180 -20.00 19.23 -26.36
N LYS C 181 -19.33 20.37 -26.67
CA LYS C 181 -18.61 20.57 -27.92
C LYS C 181 -17.52 19.54 -28.09
N LEU C 182 -16.74 19.28 -27.01
CA LEU C 182 -15.65 18.31 -26.99
C LEU C 182 -16.15 16.88 -27.13
N CYS C 183 -17.21 16.52 -26.37
CA CYS C 183 -17.84 15.19 -26.44
C CYS C 183 -18.36 14.90 -27.84
N SER C 184 -18.86 15.93 -28.55
CA SER C 184 -19.43 15.86 -29.90
C SER C 184 -18.42 15.73 -31.05
N ILE C 185 -17.11 15.98 -30.81
CA ILE C 185 -16.07 15.85 -31.86
C ILE C 185 -16.14 14.52 -32.69
N PRO C 186 -16.22 13.30 -32.09
CA PRO C 186 -16.23 12.96 -30.66
C PRO C 186 -14.85 12.70 -30.08
N ILE C 187 -14.75 12.60 -28.73
CA ILE C 187 -13.54 12.23 -28.00
C ILE C 187 -13.87 10.90 -27.29
N HIS C 188 -12.85 10.22 -26.70
CA HIS C 188 -13.11 8.98 -25.96
C HIS C 188 -13.84 9.21 -24.63
N GLY C 189 -13.62 10.36 -24.01
CA GLY C 189 -14.31 10.69 -22.78
C GLY C 189 -13.71 11.79 -21.96
N ILE C 190 -14.41 12.16 -20.88
CA ILE C 190 -14.01 13.19 -19.92
C ILE C 190 -13.97 12.57 -18.50
N ARG C 191 -12.92 12.90 -17.72
CA ARG C 191 -12.74 12.45 -16.35
C ARG C 191 -12.58 13.66 -15.43
N SER C 192 -12.87 13.49 -14.14
CA SER C 192 -12.77 14.55 -13.12
C SER C 192 -12.50 13.89 -11.79
N VAL C 193 -11.27 14.03 -11.28
CA VAL C 193 -10.84 13.46 -10.01
C VAL C 193 -11.02 14.48 -8.86
N GLY C 194 -11.30 15.75 -9.23
CA GLY C 194 -11.60 16.83 -8.29
C GLY C 194 -10.45 17.68 -7.78
N THR C 195 -9.32 17.69 -8.51
CA THR C 195 -8.14 18.49 -8.15
C THR C 195 -7.38 18.83 -9.42
N ALA C 196 -7.15 20.14 -9.67
CA ALA C 196 -6.42 20.65 -10.83
C ALA C 196 -5.02 20.03 -10.93
N ALA C 197 -4.27 20.01 -9.81
CA ALA C 197 -2.90 19.48 -9.76
C ALA C 197 -2.81 17.98 -10.07
N VAL C 198 -3.72 17.15 -9.51
CA VAL C 198 -3.75 15.72 -9.79
C VAL C 198 -4.22 15.47 -11.24
N ASN C 199 -5.23 16.21 -11.72
CA ASN C 199 -5.70 16.12 -13.11
C ASN C 199 -4.56 16.39 -14.09
N MET C 200 -3.71 17.39 -13.80
CA MET C 200 -2.51 17.72 -14.57
C MET C 200 -1.44 16.63 -14.45
N CYS C 201 -1.28 16.05 -13.25
CA CYS C 201 -0.33 14.95 -13.04
C CYS C 201 -0.73 13.68 -13.81
N LEU C 202 -2.04 13.48 -14.03
CA LEU C 202 -2.58 12.37 -14.82
C LEU C 202 -2.24 12.53 -16.32
N VAL C 203 -2.06 13.77 -16.76
CA VAL C 203 -1.62 14.08 -18.12
C VAL C 203 -0.11 13.75 -18.20
N ALA C 204 0.65 14.15 -17.16
CA ALA C 204 2.09 13.90 -17.06
C ALA C 204 2.44 12.40 -17.08
N THR C 205 1.63 11.53 -16.44
CA THR C 205 1.85 10.06 -16.41
C THR C 205 1.46 9.39 -17.75
N GLY C 206 0.60 10.08 -18.53
CA GLY C 206 0.07 9.58 -19.79
C GLY C 206 -1.27 8.88 -19.64
N GLY C 207 -1.83 8.89 -18.44
CA GLY C 207 -3.14 8.32 -18.13
C GLY C 207 -4.27 9.05 -18.83
N ALA C 208 -4.12 10.39 -18.99
CA ALA C 208 -5.04 11.26 -19.74
C ALA C 208 -4.22 11.99 -20.79
N ASP C 209 -4.85 12.38 -21.90
CA ASP C 209 -4.11 13.02 -22.99
C ASP C 209 -4.00 14.50 -22.83
N ALA C 210 -4.99 15.12 -22.20
CA ALA C 210 -4.99 16.56 -21.96
C ALA C 210 -5.91 16.94 -20.83
N TYR C 211 -5.64 18.13 -20.26
CA TYR C 211 -6.42 18.77 -19.20
C TYR C 211 -6.71 20.20 -19.64
N TYR C 212 -7.90 20.67 -19.35
CA TYR C 212 -8.24 22.05 -19.64
C TYR C 212 -9.12 22.58 -18.54
N GLU C 213 -8.96 23.86 -18.20
CA GLU C 213 -9.80 24.53 -17.21
C GLU C 213 -9.68 26.03 -17.26
N MET C 214 -10.80 26.69 -16.91
CA MET C 214 -10.87 28.14 -16.74
C MET C 214 -11.44 28.42 -15.36
N GLY C 215 -10.83 29.34 -14.64
CA GLY C 215 -11.30 29.71 -13.31
C GLY C 215 -10.38 29.26 -12.20
N ILE C 216 -9.38 28.43 -12.54
CA ILE C 216 -8.36 27.99 -11.59
C ILE C 216 -7.38 29.13 -11.33
N HIS C 217 -6.42 28.94 -10.44
CA HIS C 217 -5.49 30.01 -10.11
C HIS C 217 -4.04 29.59 -10.30
N CYS C 218 -3.09 30.54 -10.19
CA CYS C 218 -1.65 30.28 -10.33
C CYS C 218 -1.17 29.11 -9.42
N TRP C 219 -1.65 29.08 -8.15
CA TRP C 219 -1.30 28.05 -7.15
C TRP C 219 -1.83 26.65 -7.50
N ASP C 220 -2.90 26.59 -8.32
CA ASP C 220 -3.48 25.33 -8.77
C ASP C 220 -2.58 24.68 -9.85
N MET C 221 -1.82 25.48 -10.57
CA MET C 221 -1.05 25.00 -11.71
C MET C 221 0.47 25.15 -11.70
N ALA C 222 1.02 25.98 -10.77
CA ALA C 222 2.46 26.23 -10.66
C ALA C 222 3.29 24.97 -10.35
N GLY C 223 2.73 24.07 -9.57
CA GLY C 223 3.43 22.83 -9.21
C GLY C 223 3.42 21.80 -10.32
N ALA C 224 2.21 21.52 -10.85
CA ALA C 224 1.98 20.53 -11.89
C ALA C 224 2.43 20.94 -13.31
N GLY C 225 2.47 22.23 -13.59
CA GLY C 225 2.84 22.79 -14.89
C GLY C 225 4.15 22.28 -15.43
N ILE C 226 5.21 22.37 -14.59
CA ILE C 226 6.57 21.91 -14.89
C ILE C 226 6.65 20.38 -14.94
N ILE C 227 5.75 19.68 -14.20
CA ILE C 227 5.67 18.20 -14.20
C ILE C 227 5.18 17.74 -15.60
N VAL C 228 4.18 18.44 -16.17
CA VAL C 228 3.64 18.14 -17.50
C VAL C 228 4.72 18.36 -18.58
N THR C 229 5.39 19.54 -18.59
CA THR C 229 6.41 19.87 -19.59
C THR C 229 7.64 18.98 -19.47
N GLU C 230 8.05 18.63 -18.23
CA GLU C 230 9.18 17.71 -18.03
C GLU C 230 8.84 16.26 -18.42
N ALA C 231 7.54 15.91 -18.51
CA ALA C 231 7.04 14.60 -18.96
C ALA C 231 6.88 14.57 -20.51
N GLY C 232 7.21 15.70 -21.16
CA GLY C 232 7.17 15.88 -22.61
C GLY C 232 5.95 16.59 -23.12
N GLY C 233 5.13 17.13 -22.22
CA GLY C 233 3.89 17.80 -22.55
C GLY C 233 4.02 19.26 -22.85
N VAL C 234 2.88 19.91 -23.11
CA VAL C 234 2.83 21.34 -23.42
C VAL C 234 1.79 22.06 -22.59
N LEU C 235 2.06 23.35 -22.29
CA LEU C 235 1.13 24.23 -21.59
C LEU C 235 0.81 25.30 -22.59
N MET C 236 -0.46 25.61 -22.70
CA MET C 236 -0.99 26.58 -23.64
C MET C 236 -2.15 27.32 -22.98
N ASP C 237 -2.46 28.50 -23.51
CA ASP C 237 -3.60 29.28 -23.10
C ASP C 237 -4.80 28.62 -23.78
N VAL C 238 -6.00 28.82 -23.23
CA VAL C 238 -7.27 28.31 -23.73
C VAL C 238 -7.60 28.88 -25.18
N THR C 239 -6.96 29.99 -25.58
CA THR C 239 -7.11 30.64 -26.89
C THR C 239 -6.20 29.99 -27.97
N GLY C 240 -5.13 29.31 -27.52
CA GLY C 240 -4.09 28.75 -28.36
C GLY C 240 -2.81 29.58 -28.24
N GLY C 241 -2.93 30.70 -27.53
CA GLY C 241 -1.83 31.62 -27.24
C GLY C 241 -0.85 31.09 -26.21
N PRO C 242 0.23 31.84 -25.92
CA PRO C 242 1.20 31.37 -24.92
C PRO C 242 0.59 31.23 -23.53
N PHE C 243 1.04 30.21 -22.78
CA PHE C 243 0.53 29.96 -21.42
C PHE C 243 0.89 31.15 -20.50
N ASP C 244 -0.09 31.57 -19.68
CA ASP C 244 0.05 32.68 -18.73
C ASP C 244 -0.45 32.20 -17.37
N LEU C 245 0.48 32.04 -16.41
CA LEU C 245 0.21 31.57 -15.05
C LEU C 245 -0.84 32.39 -14.27
N MET C 246 -0.95 33.69 -14.56
CA MET C 246 -1.88 34.59 -13.87
C MET C 246 -3.23 34.78 -14.61
N SER C 247 -3.40 34.13 -15.78
CA SER C 247 -4.59 34.25 -16.64
C SER C 247 -5.84 33.48 -16.22
N ARG C 248 -5.73 32.54 -15.23
CA ARG C 248 -6.84 31.72 -14.72
C ARG C 248 -7.32 30.65 -15.73
N ARG C 249 -6.52 30.40 -16.78
CA ARG C 249 -6.86 29.48 -17.86
C ARG C 249 -5.67 28.64 -18.23
N ILE C 250 -5.93 27.41 -18.68
CA ILE C 250 -4.89 26.46 -19.08
C ILE C 250 -5.42 25.36 -19.96
N ILE C 251 -4.55 24.88 -20.83
CA ILE C 251 -4.61 23.65 -21.58
C ILE C 251 -3.25 23.00 -21.32
N ALA C 252 -3.26 21.88 -20.59
CA ALA C 252 -2.05 21.10 -20.30
C ALA C 252 -2.22 19.84 -21.11
N ALA C 253 -1.40 19.65 -22.13
CA ALA C 253 -1.58 18.51 -23.04
C ALA C 253 -0.32 17.70 -23.32
N ASN C 254 -0.50 16.53 -23.94
CA ASN C 254 0.60 15.66 -24.34
C ASN C 254 1.36 16.25 -25.50
N SER C 255 0.69 17.07 -26.34
CA SER C 255 1.26 17.67 -27.57
C SER C 255 0.59 19.00 -27.95
N ILE C 256 1.27 19.81 -28.80
CA ILE C 256 0.77 21.07 -29.33
C ILE C 256 -0.48 20.82 -30.20
N THR C 257 -0.43 19.74 -31.00
CA THR C 257 -1.51 19.30 -31.91
C THR C 257 -2.83 19.18 -31.16
N LEU C 258 -2.86 18.36 -30.10
CA LEU C 258 -4.05 18.15 -29.28
C LEU C 258 -4.47 19.42 -28.53
N ALA C 259 -3.49 20.16 -27.95
CA ALA C 259 -3.72 21.40 -27.22
C ALA C 259 -4.40 22.45 -28.11
N LYS C 260 -3.90 22.63 -29.36
CA LYS C 260 -4.48 23.56 -30.35
C LYS C 260 -5.87 23.13 -30.78
N ARG C 261 -6.10 21.81 -30.88
CA ARG C 261 -7.39 21.27 -31.27
C ARG C 261 -8.50 21.55 -30.22
N ILE C 262 -8.16 21.38 -28.93
CA ILE C 262 -9.05 21.64 -27.80
C ILE C 262 -9.40 23.13 -27.74
N ALA C 263 -8.39 24.01 -27.95
CA ALA C 263 -8.50 25.48 -27.94
C ALA C 263 -9.56 26.00 -28.88
N LYS C 264 -9.69 25.36 -30.08
CA LYS C 264 -10.67 25.70 -31.12
C LYS C 264 -12.11 25.49 -30.61
N GLU C 265 -12.29 24.59 -29.64
CA GLU C 265 -13.61 24.25 -29.07
C GLU C 265 -14.08 25.09 -27.88
N ILE C 266 -13.15 25.81 -27.22
CA ILE C 266 -13.42 26.52 -25.98
C ILE C 266 -13.93 27.96 -26.10
N GLU C 267 -15.12 28.20 -25.53
CA GLU C 267 -15.73 29.51 -25.35
C GLU C 267 -15.17 29.99 -24.00
N ILE C 268 -14.53 31.16 -23.98
CA ILE C 268 -13.91 31.74 -22.79
C ILE C 268 -14.94 32.28 -21.79
N ILE C 269 -14.71 32.05 -20.48
CA ILE C 269 -15.52 32.60 -19.38
C ILE C 269 -14.79 33.89 -18.93
N PRO C 270 -15.49 35.05 -18.77
CA PRO C 270 -14.80 36.26 -18.30
C PRO C 270 -14.32 36.06 -16.86
N LEU C 271 -13.01 36.30 -16.61
CA LEU C 271 -12.37 36.08 -15.31
C LEU C 271 -11.38 37.16 -14.94
N GLN C 272 -11.33 37.50 -13.64
CA GLN C 272 -10.35 38.45 -13.12
C GLN C 272 -9.04 37.70 -12.93
N ARG C 273 -7.95 38.24 -13.53
CA ARG C 273 -6.59 37.68 -13.45
C ARG C 273 -6.07 37.67 -12.01
N ASP C 274 -5.11 36.78 -11.74
CA ASP C 274 -4.49 36.67 -10.41
C ASP C 274 -3.56 37.83 -10.08
N ASP C 275 -3.12 38.60 -11.11
CA ASP C 275 -2.23 39.76 -10.97
C ASP C 275 -2.95 41.12 -11.06
N GLU C 276 -4.26 41.12 -11.41
CA GLU C 276 -5.07 42.34 -11.56
C GLU C 276 -5.64 42.80 -10.21
N ASP D 3 -22.88 -20.33 3.47
CA ASP D 3 -22.35 -21.69 3.36
C ASP D 3 -22.22 -22.15 1.88
N PRO D 4 -23.28 -22.51 1.10
CA PRO D 4 -23.04 -22.87 -0.32
C PRO D 4 -22.62 -21.66 -1.18
N TRP D 5 -23.16 -20.46 -0.88
CA TRP D 5 -22.84 -19.25 -1.63
C TRP D 5 -21.50 -18.64 -1.19
N GLN D 6 -20.98 -19.07 -0.03
CA GLN D 6 -19.68 -18.58 0.46
C GLN D 6 -18.57 -19.25 -0.31
N GLU D 7 -18.72 -20.54 -0.60
CA GLU D 7 -17.82 -21.37 -1.40
C GLU D 7 -17.69 -20.70 -2.79
N CYS D 8 -18.82 -20.26 -3.39
CA CYS D 8 -18.96 -19.55 -4.67
C CYS D 8 -18.19 -18.24 -4.65
N MET D 9 -18.42 -17.43 -3.59
CA MET D 9 -17.79 -16.14 -3.37
C MET D 9 -16.29 -16.30 -3.25
N ASP D 10 -15.82 -17.30 -2.47
CA ASP D 10 -14.40 -17.58 -2.32
C ASP D 10 -13.77 -17.89 -3.68
N TYR D 11 -14.45 -18.69 -4.51
CA TYR D 11 -14.02 -19.01 -5.86
C TYR D 11 -14.03 -17.76 -6.77
N ALA D 12 -15.09 -16.95 -6.71
CA ALA D 12 -15.22 -15.73 -7.51
C ALA D 12 -14.11 -14.70 -7.24
N VAL D 13 -13.69 -14.54 -5.94
CA VAL D 13 -12.59 -13.64 -5.50
C VAL D 13 -11.27 -14.09 -6.16
N ILE D 14 -11.00 -15.41 -6.14
CA ILE D 14 -9.82 -16.04 -6.79
C ILE D 14 -9.83 -15.71 -8.29
N LEU D 15 -11.01 -15.81 -8.93
CA LEU D 15 -11.19 -15.52 -10.36
C LEU D 15 -10.98 -14.04 -10.68
N ALA D 16 -11.55 -13.13 -9.84
CA ALA D 16 -11.38 -11.68 -9.98
C ALA D 16 -9.89 -11.30 -9.94
N ARG D 17 -9.10 -11.94 -9.04
CA ARG D 17 -7.65 -11.76 -8.93
C ARG D 17 -6.91 -12.25 -10.18
N GLN D 18 -7.32 -13.41 -10.73
CA GLN D 18 -6.76 -13.96 -11.97
C GLN D 18 -7.01 -12.99 -13.14
N ALA D 19 -8.24 -12.41 -13.19
CA ALA D 19 -8.66 -11.44 -14.19
C ALA D 19 -7.86 -10.14 -14.07
N GLY D 20 -7.58 -9.70 -12.82
CA GLY D 20 -6.76 -8.52 -12.51
C GLY D 20 -5.34 -8.65 -13.03
N GLU D 21 -4.76 -9.85 -12.91
CA GLU D 21 -3.43 -10.20 -13.40
C GLU D 21 -3.37 -10.11 -14.93
N MET D 22 -4.44 -10.58 -15.60
CA MET D 22 -4.57 -10.54 -17.07
C MET D 22 -4.65 -9.10 -17.54
N ILE D 23 -5.44 -8.27 -16.84
CA ILE D 23 -5.66 -6.85 -17.16
C ILE D 23 -4.33 -6.06 -17.04
N ARG D 24 -3.67 -6.17 -15.88
CA ARG D 24 -2.41 -5.51 -15.57
C ARG D 24 -1.28 -5.90 -16.53
N GLU D 25 -1.31 -7.16 -17.01
CA GLU D 25 -0.35 -7.64 -18.00
C GLU D 25 -0.62 -7.02 -19.38
N ALA D 26 -1.91 -6.94 -19.75
CA ALA D 26 -2.33 -6.37 -21.03
C ALA D 26 -2.03 -4.87 -21.12
N LEU D 27 -2.04 -4.17 -19.96
CA LEU D 27 -1.73 -2.75 -19.81
C LEU D 27 -0.29 -2.41 -20.17
N LYS D 28 0.62 -3.37 -20.02
CA LYS D 28 2.05 -3.23 -20.36
C LYS D 28 2.27 -3.27 -21.86
N ASN D 29 1.31 -3.83 -22.62
CA ASN D 29 1.40 -4.00 -24.08
C ASN D 29 0.49 -3.09 -24.90
N GLU D 30 0.66 -3.12 -26.23
CA GLU D 30 -0.13 -2.38 -27.21
C GLU D 30 -1.42 -3.14 -27.45
N MET D 31 -2.52 -2.41 -27.65
CA MET D 31 -3.84 -3.02 -27.81
C MET D 31 -4.46 -2.81 -29.18
N ASP D 32 -5.35 -3.73 -29.56
CA ASP D 32 -6.16 -3.62 -30.78
C ASP D 32 -7.53 -3.20 -30.26
N VAL D 33 -7.93 -1.97 -30.56
CA VAL D 33 -9.17 -1.40 -30.03
C VAL D 33 -10.31 -1.47 -31.05
N MET D 34 -11.45 -2.07 -30.66
CA MET D 34 -12.64 -2.18 -31.52
C MET D 34 -13.78 -1.40 -30.91
N ILE D 35 -14.68 -0.92 -31.76
CA ILE D 35 -15.85 -0.18 -31.29
C ILE D 35 -17.09 -1.08 -31.34
N LYS D 36 -18.06 -0.83 -30.45
CA LYS D 36 -19.31 -1.57 -30.38
C LYS D 36 -20.49 -0.69 -30.86
N SER D 37 -21.22 -0.02 -29.93
CA SER D 37 -22.40 0.78 -30.25
C SER D 37 -22.14 2.20 -30.77
N SER D 38 -20.96 2.78 -30.45
CA SER D 38 -20.61 4.14 -30.89
C SER D 38 -19.07 4.26 -30.95
N PRO D 39 -18.48 5.38 -31.49
CA PRO D 39 -17.01 5.49 -31.49
C PRO D 39 -16.39 5.62 -30.09
N ALA D 40 -17.24 5.76 -29.03
CA ALA D 40 -16.77 5.87 -27.63
C ALA D 40 -17.09 4.61 -26.78
N ASP D 41 -17.77 3.59 -27.38
CA ASP D 41 -18.10 2.32 -26.74
C ASP D 41 -17.08 1.31 -27.25
N LEU D 42 -15.99 1.13 -26.49
CA LEU D 42 -14.81 0.33 -26.84
C LEU D 42 -14.77 -1.08 -26.26
N VAL D 43 -14.03 -1.95 -26.96
CA VAL D 43 -13.76 -3.31 -26.55
C VAL D 43 -12.36 -3.72 -27.03
N THR D 44 -11.67 -4.56 -26.26
CA THR D 44 -10.37 -5.10 -26.61
C THR D 44 -10.42 -6.61 -26.50
N VAL D 45 -9.37 -7.31 -26.97
CA VAL D 45 -9.25 -8.76 -26.88
C VAL D 45 -9.18 -9.17 -25.41
N THR D 46 -8.63 -8.28 -24.55
CA THR D 46 -8.54 -8.49 -23.09
C THR D 46 -9.91 -8.65 -22.43
N ASP D 47 -10.86 -7.82 -22.80
CA ASP D 47 -12.26 -7.88 -22.32
C ASP D 47 -12.84 -9.26 -22.65
N GLN D 48 -12.58 -9.74 -23.86
CA GLN D 48 -13.04 -11.03 -24.39
C GLN D 48 -12.33 -12.21 -23.74
N LYS D 49 -10.99 -12.12 -23.59
CA LYS D 49 -10.18 -13.14 -22.95
C LYS D 49 -10.51 -13.29 -21.46
N VAL D 50 -10.70 -12.16 -20.74
CA VAL D 50 -11.08 -12.15 -19.32
C VAL D 50 -12.48 -12.80 -19.18
N GLU D 51 -13.45 -12.39 -20.02
CA GLU D 51 -14.80 -12.98 -19.95
C GLU D 51 -14.82 -14.50 -20.24
N LYS D 52 -14.02 -14.95 -21.23
CA LYS D 52 -13.88 -16.36 -21.59
C LYS D 52 -13.33 -17.12 -20.39
N MET D 53 -12.31 -16.56 -19.70
CA MET D 53 -11.70 -17.20 -18.53
C MET D 53 -12.73 -17.33 -17.40
N LEU D 54 -13.43 -16.22 -17.09
CA LEU D 54 -14.44 -16.17 -16.03
C LEU D 54 -15.60 -17.13 -16.28
N MET D 55 -16.22 -17.07 -17.48
CA MET D 55 -17.32 -17.93 -17.91
C MET D 55 -16.93 -19.41 -17.89
N SER D 56 -15.74 -19.78 -18.42
CA SER D 56 -15.23 -21.16 -18.43
C SER D 56 -14.98 -21.70 -17.03
N SER D 57 -14.34 -20.89 -16.17
CA SER D 57 -14.01 -21.28 -14.80
C SER D 57 -15.25 -21.48 -13.93
N ILE D 58 -16.24 -20.58 -14.04
CA ILE D 58 -17.49 -20.71 -13.29
C ILE D 58 -18.33 -21.89 -13.82
N LYS D 59 -18.44 -22.07 -15.17
CA LYS D 59 -19.17 -23.17 -15.84
C LYS D 59 -18.61 -24.54 -15.48
N GLU D 60 -17.27 -24.63 -15.30
CA GLU D 60 -16.55 -25.83 -14.89
C GLU D 60 -16.86 -26.21 -13.44
N LYS D 61 -16.92 -25.21 -12.53
CA LYS D 61 -17.21 -25.46 -11.12
C LYS D 61 -18.73 -25.50 -10.82
N TYR D 62 -19.54 -24.62 -11.46
CA TYR D 62 -20.99 -24.55 -11.23
C TYR D 62 -21.78 -24.65 -12.57
N PRO D 63 -21.78 -25.85 -13.22
CA PRO D 63 -22.44 -25.97 -14.54
C PRO D 63 -23.92 -25.67 -14.64
N CYS D 64 -24.67 -25.89 -13.55
CA CYS D 64 -26.10 -25.65 -13.55
C CYS D 64 -26.48 -24.17 -13.31
N HIS D 65 -25.49 -23.31 -12.99
CA HIS D 65 -25.75 -21.88 -12.80
C HIS D 65 -26.01 -21.14 -14.12
N SER D 66 -26.77 -20.03 -14.08
CA SER D 66 -27.06 -19.21 -15.27
C SER D 66 -25.94 -18.17 -15.41
N PHE D 67 -25.65 -17.69 -16.65
CA PHE D 67 -24.57 -16.73 -16.91
C PHE D 67 -24.90 -15.54 -17.83
N ILE D 68 -24.67 -14.30 -17.33
CA ILE D 68 -24.82 -13.03 -18.06
C ILE D 68 -23.46 -12.31 -18.06
N GLY D 69 -22.95 -12.02 -19.24
CA GLY D 69 -21.69 -11.31 -19.40
C GLY D 69 -21.77 -10.29 -20.51
N GLU D 70 -21.23 -9.07 -20.30
CA GLU D 70 -21.18 -8.00 -21.28
C GLU D 70 -20.75 -8.48 -22.69
N GLU D 71 -19.59 -9.15 -22.78
CA GLU D 71 -19.06 -9.61 -24.08
C GLU D 71 -19.76 -10.81 -24.69
N SER D 72 -20.43 -11.61 -23.86
CA SER D 72 -21.24 -12.74 -24.35
C SER D 72 -22.51 -12.21 -25.01
N VAL D 73 -23.11 -11.16 -24.45
CA VAL D 73 -24.28 -10.46 -25.02
C VAL D 73 -23.86 -9.82 -26.35
N ALA D 74 -22.64 -9.20 -26.40
CA ALA D 74 -22.08 -8.58 -27.63
C ALA D 74 -21.87 -9.63 -28.73
N ALA D 75 -21.62 -10.90 -28.36
CA ALA D 75 -21.43 -12.04 -29.27
C ALA D 75 -22.76 -12.66 -29.72
N GLY D 76 -23.88 -12.20 -29.15
CA GLY D 76 -25.20 -12.67 -29.54
C GLY D 76 -26.02 -13.48 -28.56
N GLU D 77 -25.49 -13.75 -27.35
CA GLU D 77 -26.20 -14.53 -26.33
C GLU D 77 -27.34 -13.71 -25.71
N LYS D 78 -28.58 -14.25 -25.74
CA LYS D 78 -29.78 -13.56 -25.24
C LYS D 78 -29.96 -13.67 -23.74
N THR D 79 -30.18 -12.51 -23.08
CA THR D 79 -30.39 -12.42 -21.63
C THR D 79 -31.80 -12.87 -21.22
N VAL D 80 -31.87 -13.99 -20.48
CA VAL D 80 -33.07 -14.59 -19.90
C VAL D 80 -32.89 -14.69 -18.37
N PHE D 81 -33.21 -13.58 -17.65
CA PHE D 81 -33.10 -13.43 -16.19
C PHE D 81 -34.15 -14.27 -15.44
N THR D 82 -33.69 -15.27 -14.66
CA THR D 82 -34.56 -16.18 -13.87
C THR D 82 -34.22 -16.15 -12.36
N GLU D 83 -34.93 -16.97 -11.56
CA GLU D 83 -34.75 -17.13 -10.11
C GLU D 83 -33.52 -18.01 -9.79
N GLN D 84 -32.94 -18.65 -10.82
CA GLN D 84 -31.77 -19.54 -10.74
C GLN D 84 -30.52 -18.81 -10.25
N PRO D 85 -29.50 -19.51 -9.63
CA PRO D 85 -28.24 -18.82 -9.26
C PRO D 85 -27.60 -18.29 -10.54
N THR D 86 -27.52 -16.94 -10.61
CA THR D 86 -27.09 -16.17 -11.79
C THR D 86 -25.78 -15.39 -11.58
N TRP D 87 -24.82 -15.61 -12.50
CA TRP D 87 -23.53 -14.91 -12.53
C TRP D 87 -23.60 -13.77 -13.56
N VAL D 88 -23.46 -12.51 -13.07
CA VAL D 88 -23.49 -11.30 -13.92
C VAL D 88 -22.11 -10.67 -13.94
N ILE D 89 -21.44 -10.76 -15.10
CA ILE D 89 -20.04 -10.43 -15.30
C ILE D 89 -19.74 -9.23 -16.20
N ASP D 90 -18.87 -8.36 -15.70
CA ASP D 90 -18.28 -7.29 -16.44
C ASP D 90 -16.77 -7.57 -16.36
N PRO D 91 -16.18 -8.16 -17.42
CA PRO D 91 -14.75 -8.52 -17.39
C PRO D 91 -13.81 -7.34 -17.14
N ILE D 92 -14.06 -6.24 -17.82
CA ILE D 92 -13.33 -4.98 -17.67
C ILE D 92 -14.41 -3.90 -17.66
N ASP D 93 -14.58 -3.27 -16.50
CA ASP D 93 -15.49 -2.16 -16.34
C ASP D 93 -14.58 -0.97 -16.30
N GLY D 94 -14.64 -0.18 -17.38
CA GLY D 94 -13.74 0.93 -17.61
C GLY D 94 -12.75 0.58 -18.71
N THR D 95 -13.27 -0.03 -19.84
CA THR D 95 -12.48 -0.37 -21.03
C THR D 95 -11.79 0.88 -21.60
N THR D 96 -12.46 2.06 -21.55
CA THR D 96 -11.86 3.30 -22.03
C THR D 96 -10.68 3.67 -21.17
N ASN D 97 -10.82 3.57 -19.85
CA ASN D 97 -9.75 3.81 -18.90
C ASN D 97 -8.61 2.83 -19.17
N PHE D 98 -8.95 1.55 -19.39
CA PHE D 98 -8.00 0.48 -19.70
C PHE D 98 -7.12 0.81 -20.93
N VAL D 99 -7.75 1.17 -22.05
CA VAL D 99 -7.13 1.55 -23.32
C VAL D 99 -6.18 2.75 -23.14
N HIS D 100 -6.56 3.67 -22.24
CA HIS D 100 -5.82 4.90 -21.96
C HIS D 100 -4.83 4.85 -20.81
N ARG D 101 -4.89 3.79 -19.97
CA ARG D 101 -4.07 3.60 -18.77
C ARG D 101 -4.51 4.59 -17.66
N PHE D 102 -5.79 5.00 -17.68
CA PHE D 102 -6.38 5.86 -16.66
C PHE D 102 -6.58 4.91 -15.47
N PRO D 103 -5.95 5.18 -14.30
CA PRO D 103 -5.83 4.17 -13.23
C PRO D 103 -7.02 3.55 -12.49
N PHE D 104 -8.21 3.52 -13.12
CA PHE D 104 -9.40 2.93 -12.51
C PHE D 104 -10.01 1.97 -13.47
N VAL D 105 -9.63 0.70 -13.30
CA VAL D 105 -10.12 -0.39 -14.11
C VAL D 105 -10.52 -1.57 -13.25
N ALA D 106 -11.79 -1.97 -13.36
CA ALA D 106 -12.35 -3.02 -12.50
C ALA D 106 -12.81 -4.28 -13.21
N VAL D 107 -12.89 -5.37 -12.44
CA VAL D 107 -13.50 -6.63 -12.80
C VAL D 107 -14.72 -6.61 -11.89
N SER D 108 -15.93 -6.77 -12.45
CA SER D 108 -17.14 -6.81 -11.62
C SER D 108 -17.82 -8.16 -11.75
N ILE D 109 -18.04 -8.84 -10.62
CA ILE D 109 -18.71 -10.14 -10.59
C ILE D 109 -19.94 -10.04 -9.67
N GLY D 110 -21.13 -10.18 -10.24
CA GLY D 110 -22.38 -10.16 -9.46
C GLY D 110 -23.00 -11.55 -9.37
N PHE D 111 -23.48 -11.93 -8.18
CA PHE D 111 -24.12 -13.24 -8.00
C PHE D 111 -25.52 -13.08 -7.41
N LEU D 112 -26.55 -13.50 -8.17
CA LEU D 112 -27.95 -13.38 -7.78
C LEU D 112 -28.63 -14.74 -7.63
N VAL D 113 -29.58 -14.82 -6.70
CA VAL D 113 -30.42 -15.98 -6.39
C VAL D 113 -31.80 -15.40 -6.12
N ASN D 114 -32.84 -15.99 -6.77
CA ASN D 114 -34.25 -15.57 -6.70
C ASN D 114 -34.43 -14.12 -7.18
N LYS D 115 -33.61 -13.72 -8.18
CA LYS D 115 -33.55 -12.37 -8.79
C LYS D 115 -33.09 -11.29 -7.76
N GLU D 116 -32.37 -11.72 -6.72
CA GLU D 116 -31.90 -10.85 -5.66
C GLU D 116 -30.40 -10.99 -5.44
N MET D 117 -29.70 -9.84 -5.33
CA MET D 117 -28.26 -9.77 -5.11
C MET D 117 -27.86 -10.51 -3.84
N GLU D 118 -27.04 -11.56 -4.00
CA GLU D 118 -26.53 -12.38 -2.89
C GLU D 118 -25.15 -11.85 -2.46
N PHE D 119 -24.21 -11.78 -3.40
CA PHE D 119 -22.87 -11.27 -3.17
C PHE D 119 -22.38 -10.50 -4.40
N GLY D 120 -21.30 -9.76 -4.24
CA GLY D 120 -20.73 -8.97 -5.33
C GLY D 120 -19.27 -8.68 -5.09
N ILE D 121 -18.49 -8.74 -6.17
CA ILE D 121 -17.05 -8.49 -6.17
C ILE D 121 -16.75 -7.41 -7.21
N VAL D 122 -16.05 -6.35 -6.79
CA VAL D 122 -15.57 -5.27 -7.67
C VAL D 122 -14.07 -5.16 -7.40
N TYR D 123 -13.22 -5.70 -8.27
CA TYR D 123 -11.76 -5.61 -8.08
C TYR D 123 -11.18 -4.45 -8.90
N SER D 124 -10.81 -3.34 -8.25
CA SER D 124 -10.17 -2.20 -8.90
C SER D 124 -8.69 -2.61 -8.94
N CYS D 125 -8.32 -3.31 -10.01
CA CYS D 125 -7.05 -3.98 -10.19
C CYS D 125 -5.76 -3.19 -10.34
N VAL D 126 -5.82 -1.96 -10.85
CA VAL D 126 -4.62 -1.13 -10.98
C VAL D 126 -4.24 -0.60 -9.57
N GLU D 127 -5.23 -0.14 -8.78
CA GLU D 127 -4.95 0.33 -7.43
C GLU D 127 -4.90 -0.79 -6.39
N ASP D 128 -5.23 -2.05 -6.81
CA ASP D 128 -5.24 -3.27 -6.00
C ASP D 128 -6.20 -3.13 -4.81
N LYS D 129 -7.45 -2.77 -5.11
CA LYS D 129 -8.51 -2.62 -4.13
C LYS D 129 -9.61 -3.61 -4.43
N MET D 130 -9.75 -4.59 -3.54
CA MET D 130 -10.75 -5.64 -3.62
C MET D 130 -11.98 -5.27 -2.82
N TYR D 131 -13.03 -4.88 -3.52
CA TYR D 131 -14.32 -4.56 -2.89
C TYR D 131 -15.22 -5.80 -2.94
N THR D 132 -15.83 -6.15 -1.81
CA THR D 132 -16.76 -7.28 -1.70
C THR D 132 -17.97 -6.87 -0.85
N GLY D 133 -19.11 -7.45 -1.17
CA GLY D 133 -20.36 -7.32 -0.44
C GLY D 133 -21.02 -8.69 -0.46
N ARG D 134 -21.77 -9.03 0.59
CA ARG D 134 -22.57 -10.24 0.67
C ARG D 134 -23.73 -9.95 1.61
N LYS D 135 -25.00 -10.23 1.17
CA LYS D 135 -26.22 -9.98 1.93
C LYS D 135 -26.11 -10.44 3.39
N GLY D 136 -26.31 -9.49 4.31
CA GLY D 136 -26.24 -9.66 5.75
C GLY D 136 -24.86 -9.93 6.33
N LYS D 137 -23.80 -9.80 5.50
CA LYS D 137 -22.41 -10.08 5.89
C LYS D 137 -21.48 -8.86 5.84
N GLY D 138 -21.97 -7.73 5.33
CA GLY D 138 -21.20 -6.50 5.24
C GLY D 138 -20.47 -6.27 3.93
N ALA D 139 -19.97 -5.05 3.72
CA ALA D 139 -19.19 -4.64 2.53
C ALA D 139 -17.77 -4.35 3.00
N PHE D 140 -16.78 -4.76 2.19
CA PHE D 140 -15.36 -4.59 2.54
C PHE D 140 -14.50 -4.13 1.40
N CYS D 141 -13.45 -3.37 1.72
CA CYS D 141 -12.41 -2.97 0.79
C CYS D 141 -11.11 -3.34 1.46
N ASN D 142 -10.45 -4.38 0.93
CA ASN D 142 -9.20 -4.91 1.47
C ASN D 142 -9.25 -5.14 2.99
N GLY D 143 -10.33 -5.77 3.46
CA GLY D 143 -10.50 -6.10 4.87
C GLY D 143 -11.09 -5.03 5.75
N GLN D 144 -11.23 -3.82 5.21
CA GLN D 144 -11.79 -2.69 5.94
C GLN D 144 -13.28 -2.63 5.68
N LYS D 145 -14.10 -2.78 6.76
CA LYS D 145 -15.57 -2.72 6.69
C LYS D 145 -16.03 -1.34 6.21
N LEU D 146 -16.92 -1.34 5.23
CA LEU D 146 -17.40 -0.09 4.63
C LEU D 146 -18.66 0.45 5.25
N GLN D 147 -18.76 1.77 5.20
CA GLN D 147 -19.90 2.51 5.68
C GLN D 147 -20.14 3.73 4.78
N VAL D 148 -21.38 3.90 4.30
CA VAL D 148 -21.76 5.08 3.50
C VAL D 148 -21.68 6.37 4.37
N SER D 149 -21.62 7.54 3.73
CA SER D 149 -21.58 8.82 4.44
C SER D 149 -22.92 9.10 5.13
N GLN D 150 -22.93 10.06 6.05
CA GLN D 150 -24.13 10.41 6.80
C GLN D 150 -24.87 11.64 6.21
N GLN D 151 -24.27 12.28 5.17
CA GLN D 151 -24.80 13.46 4.50
C GLN D 151 -26.13 13.28 3.72
N GLU D 152 -27.24 13.76 4.31
CA GLU D 152 -28.58 13.70 3.69
C GLU D 152 -28.95 15.00 2.95
N ASP D 153 -28.26 16.13 3.27
CA ASP D 153 -28.45 17.45 2.66
C ASP D 153 -27.75 17.49 1.29
N ILE D 154 -28.56 17.60 0.20
CA ILE D 154 -28.10 17.66 -1.21
C ILE D 154 -27.15 18.83 -1.46
N THR D 155 -27.35 19.91 -0.73
CA THR D 155 -26.59 21.15 -0.79
C THR D 155 -25.11 20.98 -0.34
N LYS D 156 -24.82 19.89 0.39
CA LYS D 156 -23.51 19.55 0.91
C LYS D 156 -23.06 18.19 0.37
N SER D 157 -23.62 17.81 -0.78
CA SER D 157 -23.40 16.50 -1.40
C SER D 157 -22.37 16.50 -2.52
N LEU D 158 -21.61 15.40 -2.59
CA LEU D 158 -20.62 15.15 -3.64
C LEU D 158 -21.13 13.94 -4.45
N LEU D 159 -21.44 14.16 -5.73
CA LEU D 159 -21.97 13.13 -6.60
C LEU D 159 -20.96 12.59 -7.61
N VAL D 160 -21.14 11.33 -7.98
CA VAL D 160 -20.36 10.64 -8.99
C VAL D 160 -21.32 10.25 -10.14
N THR D 161 -20.87 10.43 -11.38
CA THR D 161 -21.64 10.10 -12.58
C THR D 161 -20.69 9.98 -13.77
N GLU D 162 -21.22 9.60 -14.94
CA GLU D 162 -20.44 9.52 -16.16
C GLU D 162 -21.21 10.18 -17.29
N LEU D 163 -20.47 10.70 -18.28
CA LEU D 163 -21.06 11.31 -19.46
C LEU D 163 -21.66 10.26 -20.39
N GLY D 164 -21.15 9.04 -20.33
CA GLY D 164 -21.64 7.94 -21.14
C GLY D 164 -20.92 7.76 -22.48
N SER D 165 -21.14 6.59 -23.12
CA SER D 165 -20.55 6.24 -24.41
C SER D 165 -21.31 6.82 -25.61
N SER D 166 -22.60 7.18 -25.43
CA SER D 166 -23.40 7.75 -26.52
C SER D 166 -22.88 9.12 -26.95
N ARG D 167 -22.83 9.31 -28.28
CA ARG D 167 -22.42 10.56 -28.88
C ARG D 167 -23.59 11.20 -29.65
N LYS D 168 -24.80 10.62 -29.47
CA LYS D 168 -26.08 11.08 -30.04
C LYS D 168 -26.37 12.46 -29.41
N PRO D 169 -26.63 13.51 -30.25
CA PRO D 169 -26.83 14.87 -29.70
C PRO D 169 -27.84 15.06 -28.58
N GLU D 170 -29.09 14.53 -28.73
CA GLU D 170 -30.16 14.62 -27.73
C GLU D 170 -29.82 13.94 -26.41
N THR D 171 -29.16 12.77 -26.44
CA THR D 171 -28.76 12.03 -25.23
C THR D 171 -27.73 12.83 -24.43
N LEU D 172 -26.68 13.30 -25.11
CA LEU D 172 -25.59 14.13 -24.59
C LEU D 172 -26.15 15.44 -23.98
N ARG D 173 -27.19 16.02 -24.60
CA ARG D 173 -27.87 17.23 -24.16
C ARG D 173 -28.58 16.94 -22.82
N ILE D 174 -29.33 15.81 -22.73
CA ILE D 174 -30.04 15.39 -21.50
C ILE D 174 -29.05 15.05 -20.36
N VAL D 175 -27.96 14.34 -20.69
CA VAL D 175 -26.92 13.97 -19.72
C VAL D 175 -26.33 15.24 -19.09
N LEU D 176 -25.96 16.21 -19.93
CA LEU D 176 -25.40 17.49 -19.49
C LEU D 176 -26.38 18.42 -18.82
N SER D 177 -27.65 18.36 -19.24
CA SER D 177 -28.74 19.13 -18.65
C SER D 177 -28.97 18.69 -17.19
N ASN D 178 -28.95 17.37 -16.95
CA ASN D 178 -29.12 16.78 -15.64
C ASN D 178 -28.01 17.18 -14.69
N MET D 179 -26.77 17.25 -15.21
CA MET D 179 -25.60 17.72 -14.45
C MET D 179 -25.78 19.18 -14.06
N GLU D 180 -26.26 20.00 -15.01
CA GLU D 180 -26.53 21.43 -14.83
C GLU D 180 -27.58 21.65 -13.74
N LYS D 181 -28.69 20.88 -13.79
CA LYS D 181 -29.78 20.98 -12.81
C LYS D 181 -29.28 20.68 -11.41
N LEU D 182 -28.45 19.62 -11.27
CA LEU D 182 -27.86 19.19 -9.98
C LEU D 182 -26.87 20.20 -9.46
N CYS D 183 -25.96 20.70 -10.33
CA CYS D 183 -24.97 21.72 -9.98
C CYS D 183 -25.64 23.01 -9.50
N SER D 184 -26.82 23.36 -10.07
CA SER D 184 -27.61 24.55 -9.75
C SER D 184 -28.41 24.50 -8.43
N ILE D 185 -28.60 23.32 -7.80
CA ILE D 185 -29.33 23.19 -6.53
C ILE D 185 -28.88 24.22 -5.41
N PRO D 186 -27.58 24.43 -5.09
CA PRO D 186 -26.36 23.79 -5.62
C PRO D 186 -25.92 22.54 -4.83
N ILE D 187 -24.97 21.77 -5.38
CA ILE D 187 -24.33 20.62 -4.73
C ILE D 187 -22.84 20.98 -4.57
N HIS D 188 -22.06 20.20 -3.79
CA HIS D 188 -20.63 20.44 -3.65
C HIS D 188 -19.83 20.14 -4.93
N GLY D 189 -20.28 19.16 -5.71
CA GLY D 189 -19.59 18.85 -6.95
C GLY D 189 -19.91 17.51 -7.54
N ILE D 190 -19.35 17.28 -8.73
CA ILE D 190 -19.49 16.06 -9.52
C ILE D 190 -18.09 15.50 -9.84
N ARG D 191 -17.95 14.16 -9.71
CA ARG D 191 -16.71 13.44 -10.01
C ARG D 191 -16.99 12.33 -11.01
N SER D 192 -15.95 11.92 -11.76
CA SER D 192 -16.05 10.88 -12.77
C SER D 192 -14.70 10.20 -12.86
N VAL D 193 -14.64 8.98 -12.39
CA VAL D 193 -13.44 8.17 -12.38
C VAL D 193 -13.40 7.26 -13.62
N GLY D 194 -14.54 7.16 -14.31
CA GLY D 194 -14.66 6.42 -15.58
C GLY D 194 -15.07 4.96 -15.52
N THR D 195 -15.70 4.54 -14.41
CA THR D 195 -16.16 3.17 -14.23
C THR D 195 -17.35 3.18 -13.27
N ALA D 196 -18.50 2.63 -13.71
CA ALA D 196 -19.75 2.53 -12.94
C ALA D 196 -19.52 1.82 -11.61
N ALA D 197 -18.88 0.63 -11.65
CA ALA D 197 -18.59 -0.18 -10.45
C ALA D 197 -17.73 0.54 -9.40
N VAL D 198 -16.63 1.22 -9.82
CA VAL D 198 -15.74 1.97 -8.91
C VAL D 198 -16.46 3.22 -8.38
N ASN D 199 -17.23 3.92 -9.25
CA ASN D 199 -18.03 5.09 -8.83
C ASN D 199 -19.01 4.69 -7.71
N MET D 200 -19.61 3.49 -7.80
CA MET D 200 -20.57 2.92 -6.85
C MET D 200 -19.83 2.48 -5.59
N CYS D 201 -18.59 1.97 -5.74
CA CYS D 201 -17.77 1.60 -4.60
C CYS D 201 -17.31 2.82 -3.79
N LEU D 202 -17.17 3.99 -4.44
CA LEU D 202 -16.81 5.26 -3.80
C LEU D 202 -17.98 5.75 -2.94
N VAL D 203 -19.21 5.39 -3.29
CA VAL D 203 -20.41 5.70 -2.51
C VAL D 203 -20.38 4.78 -1.26
N ALA D 204 -20.08 3.48 -1.47
CA ALA D 204 -19.99 2.48 -0.42
C ALA D 204 -18.94 2.82 0.66
N THR D 205 -17.78 3.42 0.28
CA THR D 205 -16.72 3.82 1.22
C THR D 205 -17.09 5.11 1.99
N GLY D 206 -17.99 5.90 1.41
CA GLY D 206 -18.40 7.18 1.95
C GLY D 206 -17.66 8.36 1.36
N GLY D 207 -16.78 8.09 0.39
CA GLY D 207 -16.00 9.10 -0.35
C GLY D 207 -16.89 10.03 -1.16
N ALA D 208 -17.99 9.47 -1.73
CA ALA D 208 -19.03 10.22 -2.46
C ALA D 208 -20.37 9.92 -1.78
N ASP D 209 -21.33 10.83 -1.91
CA ASP D 209 -22.60 10.64 -1.23
C ASP D 209 -23.60 9.86 -2.06
N ALA D 210 -23.50 9.99 -3.39
CA ALA D 210 -24.40 9.30 -4.29
C ALA D 210 -23.83 9.20 -5.70
N TYR D 211 -24.32 8.21 -6.43
CA TYR D 211 -24.00 7.93 -7.82
C TYR D 211 -25.30 7.83 -8.59
N TYR D 212 -25.31 8.33 -9.81
CA TYR D 212 -26.48 8.18 -10.67
C TYR D 212 -26.00 7.99 -12.09
N GLU D 213 -26.73 7.18 -12.86
CA GLU D 213 -26.45 6.97 -14.27
C GLU D 213 -27.57 6.30 -15.01
N MET D 214 -27.71 6.66 -16.29
CA MET D 214 -28.64 6.03 -17.22
C MET D 214 -27.85 5.58 -18.45
N GLY D 215 -28.10 4.36 -18.89
CA GLY D 215 -27.43 3.82 -20.06
C GLY D 215 -26.46 2.70 -19.74
N ILE D 216 -26.19 2.51 -18.44
CA ILE D 216 -25.35 1.43 -17.97
C ILE D 216 -26.12 0.11 -18.08
N HIS D 217 -25.50 -1.03 -17.75
CA HIS D 217 -26.17 -2.31 -17.88
C HIS D 217 -26.13 -3.07 -16.58
N CYS D 218 -26.89 -4.19 -16.51
CA CYS D 218 -26.93 -5.06 -15.33
C CYS D 218 -25.55 -5.46 -14.81
N TRP D 219 -24.60 -5.80 -15.71
CA TRP D 219 -23.21 -6.19 -15.39
C TRP D 219 -22.37 -5.07 -14.79
N ASP D 220 -22.74 -3.82 -15.09
CA ASP D 220 -22.05 -2.65 -14.55
C ASP D 220 -22.40 -2.44 -13.08
N MET D 221 -23.60 -2.90 -12.66
CA MET D 221 -24.09 -2.65 -11.31
C MET D 221 -24.36 -3.83 -10.37
N ALA D 222 -24.38 -5.06 -10.92
CA ALA D 222 -24.66 -6.28 -10.15
C ALA D 222 -23.62 -6.55 -9.03
N GLY D 223 -22.36 -6.23 -9.29
CA GLY D 223 -21.30 -6.44 -8.31
C GLY D 223 -21.30 -5.39 -7.21
N ALA D 224 -21.33 -4.12 -7.59
CA ALA D 224 -21.29 -2.96 -6.70
C ALA D 224 -22.58 -2.69 -5.92
N GLY D 225 -23.70 -3.09 -6.47
CA GLY D 225 -25.04 -2.89 -5.89
C GLY D 225 -25.18 -3.34 -4.46
N ILE D 226 -24.79 -4.61 -4.20
CA ILE D 226 -24.83 -5.25 -2.89
C ILE D 226 -23.74 -4.65 -1.96
N ILE D 227 -22.63 -4.12 -2.53
CA ILE D 227 -21.56 -3.47 -1.78
C ILE D 227 -22.11 -2.16 -1.17
N VAL D 228 -22.89 -1.38 -1.97
CA VAL D 228 -23.54 -0.13 -1.52
C VAL D 228 -24.54 -0.41 -0.37
N THR D 229 -25.47 -1.37 -0.57
CA THR D 229 -26.49 -1.70 0.43
C THR D 229 -25.90 -2.31 1.69
N GLU D 230 -24.85 -3.14 1.56
CA GLU D 230 -24.17 -3.73 2.74
C GLU D 230 -23.33 -2.67 3.51
N ALA D 231 -23.01 -1.51 2.84
CA ALA D 231 -22.32 -0.37 3.46
C ALA D 231 -23.32 0.60 4.15
N GLY D 232 -24.61 0.27 4.04
CA GLY D 232 -25.73 1.04 4.62
C GLY D 232 -26.46 1.95 3.64
N GLY D 233 -26.11 1.83 2.35
CA GLY D 233 -26.69 2.64 1.29
C GLY D 233 -27.98 2.12 0.70
N VAL D 234 -28.52 2.86 -0.27
CA VAL D 234 -29.76 2.51 -0.95
C VAL D 234 -29.60 2.49 -2.48
N LEU D 235 -30.34 1.58 -3.13
CA LEU D 235 -30.41 1.52 -4.59
C LEU D 235 -31.84 1.91 -4.95
N MET D 236 -31.95 2.82 -5.90
CA MET D 236 -33.21 3.37 -6.35
C MET D 236 -33.21 3.53 -7.86
N ASP D 237 -34.39 3.53 -8.44
CA ASP D 237 -34.54 3.79 -9.87
C ASP D 237 -34.51 5.33 -9.98
N VAL D 238 -33.95 5.82 -11.09
CA VAL D 238 -33.85 7.23 -11.46
C VAL D 238 -35.18 8.06 -11.30
N THR D 239 -36.35 7.37 -11.30
CA THR D 239 -37.71 7.92 -11.12
C THR D 239 -38.08 8.11 -9.64
N GLY D 240 -37.41 7.37 -8.75
CA GLY D 240 -37.67 7.31 -7.32
C GLY D 240 -38.30 5.98 -6.96
N GLY D 241 -38.65 5.21 -8.01
CA GLY D 241 -39.26 3.89 -7.89
C GLY D 241 -38.29 2.80 -7.46
N PRO D 242 -38.78 1.54 -7.27
CA PRO D 242 -37.88 0.46 -6.84
C PRO D 242 -36.78 0.18 -7.86
N PHE D 243 -35.60 -0.20 -7.37
CA PHE D 243 -34.44 -0.47 -8.23
C PHE D 243 -34.71 -1.69 -9.12
N ASP D 244 -34.36 -1.56 -10.40
CA ASP D 244 -34.55 -2.62 -11.40
C ASP D 244 -33.21 -2.83 -12.15
N LEU D 245 -32.56 -3.97 -11.90
CA LEU D 245 -31.27 -4.35 -12.48
C LEU D 245 -31.24 -4.34 -14.01
N MET D 246 -32.37 -4.63 -14.67
CA MET D 246 -32.48 -4.69 -16.13
C MET D 246 -32.94 -3.38 -16.79
N SER D 247 -33.23 -2.34 -15.98
CA SER D 247 -33.75 -1.04 -16.42
C SER D 247 -32.76 -0.06 -17.04
N ARG D 248 -31.43 -0.31 -16.93
CA ARG D 248 -30.36 0.54 -17.48
C ARG D 248 -30.21 1.88 -16.71
N ARG D 249 -30.83 1.99 -15.54
CA ARG D 249 -30.85 3.21 -14.72
C ARG D 249 -30.62 2.87 -13.27
N ILE D 250 -29.97 3.78 -12.55
CA ILE D 250 -29.67 3.64 -11.14
C ILE D 250 -29.39 4.96 -10.45
N ILE D 251 -29.77 5.01 -9.18
CA ILE D 251 -29.36 5.98 -8.18
C ILE D 251 -28.86 5.09 -7.02
N ALA D 252 -27.55 5.16 -6.75
CA ALA D 252 -26.93 4.42 -5.64
C ALA D 252 -26.54 5.50 -4.65
N ALA D 253 -27.19 5.55 -3.49
CA ALA D 253 -26.95 6.63 -2.55
C ALA D 253 -26.69 6.20 -1.11
N ASN D 254 -26.22 7.15 -0.28
CA ASN D 254 -25.98 6.91 1.13
C ASN D 254 -27.29 6.76 1.89
N SER D 255 -28.39 7.39 1.38
CA SER D 255 -29.70 7.44 2.03
C SER D 255 -30.85 7.62 1.04
N ILE D 256 -32.08 7.26 1.47
CA ILE D 256 -33.31 7.42 0.69
C ILE D 256 -33.56 8.91 0.41
N THR D 257 -33.33 9.77 1.44
CA THR D 257 -33.50 11.21 1.40
C THR D 257 -32.77 11.81 0.19
N LEU D 258 -31.45 11.59 0.10
CA LEU D 258 -30.60 12.07 -0.98
C LEU D 258 -30.97 11.44 -2.33
N ALA D 259 -31.24 10.11 -2.35
CA ALA D 259 -31.64 9.39 -3.56
C ALA D 259 -32.91 9.96 -4.17
N LYS D 260 -33.94 10.22 -3.32
CA LYS D 260 -35.22 10.80 -3.74
C LYS D 260 -35.03 12.22 -4.24
N ARG D 261 -34.12 12.98 -3.61
CA ARG D 261 -33.85 14.36 -3.99
C ARG D 261 -33.21 14.48 -5.39
N ILE D 262 -32.25 13.58 -5.71
CA ILE D 262 -31.58 13.49 -7.01
C ILE D 262 -32.59 13.11 -8.10
N ALA D 263 -33.47 12.13 -7.81
CA ALA D 263 -34.53 11.62 -8.71
C ALA D 263 -35.44 12.72 -9.24
N LYS D 264 -35.76 13.74 -8.39
CA LYS D 264 -36.59 14.89 -8.73
C LYS D 264 -35.94 15.74 -9.84
N GLU D 265 -34.59 15.71 -9.93
CA GLU D 265 -33.81 16.49 -10.90
C GLU D 265 -33.55 15.84 -12.25
N ILE D 266 -33.72 14.51 -12.34
CA ILE D 266 -33.38 13.73 -13.53
C ILE D 266 -34.45 13.59 -14.59
N GLU D 267 -34.10 14.02 -15.81
CA GLU D 267 -34.87 13.84 -17.03
C GLU D 267 -34.38 12.49 -17.57
N ILE D 268 -35.30 11.55 -17.79
CA ILE D 268 -35.00 10.20 -18.27
C ILE D 268 -34.59 10.17 -19.75
N ILE D 269 -33.58 9.36 -20.10
CA ILE D 269 -33.19 9.12 -21.49
C ILE D 269 -33.89 7.82 -21.95
N PRO D 270 -34.56 7.80 -23.13
CA PRO D 270 -35.21 6.53 -23.57
C PRO D 270 -34.15 5.46 -23.85
N LEU D 271 -34.33 4.27 -23.24
CA LEU D 271 -33.36 3.17 -23.33
C LEU D 271 -34.01 1.82 -23.45
N GLN D 272 -33.37 0.92 -24.22
CA GLN D 272 -33.84 -0.46 -24.35
C GLN D 272 -33.32 -1.23 -23.13
N ARG D 273 -34.23 -1.90 -22.40
CA ARG D 273 -33.91 -2.71 -21.23
C ARG D 273 -33.00 -3.90 -21.58
N ASP D 274 -32.27 -4.41 -20.57
CA ASP D 274 -31.37 -5.55 -20.72
C ASP D 274 -32.10 -6.89 -20.92
N ASP D 275 -33.40 -6.94 -20.54
CA ASP D 275 -34.25 -8.12 -20.66
C ASP D 275 -35.25 -8.07 -21.85
N GLU D 276 -35.34 -6.92 -22.56
CA GLU D 276 -36.23 -6.73 -23.72
C GLU D 276 -35.59 -7.25 -25.00
#